data_4FJH
#
_entry.id   4FJH
#
_cell.length_a   75.020
_cell.length_b   120.074
_cell.length_c   130.675
_cell.angle_alpha   90.00
_cell.angle_beta   90.00
_cell.angle_gamma   90.00
#
_symmetry.space_group_name_H-M   'P 21 21 21'
#
loop_
_entity.id
_entity.type
_entity.pdbx_description
1 polymer 'DNA polymerase'
2 polymer 'DNA template'
3 polymer 'DNA primer'
4 non-polymer "2'-DEOXYGUANOSINE-5'-TRIPHOSPHATE"
5 non-polymer 'CALCIUM ION'
6 water water
#
loop_
_entity_poly.entity_id
_entity_poly.type
_entity_poly.pdbx_seq_one_letter_code
_entity_poly.pdbx_strand_id
1 'polypeptide(L)'
;MKEFYLTVEQIGDSIFERYIDSNGRERTREVEYKPSLFAHCPESQATKYFDIYGKPCTRKLFANMRDASQWIKRMEDIGL
EALGMDDFKLAYLSDTYNYEIKYDHTKIRVANFDIEVTSPDGFPEPSQAKHPIDAITHYDSIDDRFYVFDLLNSPYGNVE
EWSIEIAAKLQEQGGDEVPSEIIDKIIYMPFDNEKELLMEYLNFWQQKTPVILTGWNVESFAIPYVYNRIKNIFGESTAK
RLSPHRKTRVKVIENMYGSREIITLFGISVLDYIDLYKKFSFTNQPSYSLDYISEFELNVGKLKYDGPISKLRESNHQRY
ISYNIIAVYRVLQIDAKRQFINLSLDMGYYAKIQIQSVFSPIKTWDAIIFNSLKEQNKVIPQGRSHPVQPYPGAFVKEPI
PNRYKYVMSFDLTSAYPSIIRQVNISPETIAGTFKVAPLHDYINAVAERPSDVYSCSPNGMMYYKDRDGVVPTEITKVFN
QRKEHKGYMLAAQRNGEIIKEALHNPNLSVDEPLDVDYRFDFSDEIKEKIKKLSAKSLNEMLFRAQRTEVAGMTAQINRK
ALINGLAGALGNVWFRYYDLRNATAITTFGQMALQWIERKVNEYLNEVCGTEGEAFVLYGDTDSIYVSADKIIDKVGESK
FRDTNHWVDFLDKFARERMEPAIDRGFREMCEYMNNKQHLMFMDREAIAGPPLGSKGIGGFWTGKKRYALNVWDMEGTRY
AEPKLKIMGLETQKSSTPKAVQKALKECIRRMLQEGEESLQEYFKEFEKEFRQLNYISIASVSSANNIAKYDVGGFPGPK
CPFHIRGILTYNRAIKGNIDAPQVVEGEKVYVLPLREGNPFGDKCIAWPSGTEITDLIKDDVLHWMDYTVLLEKTFIKPL
EGFTSAAKLDYEKKASLFDMFDF
;
A
2 'polydeoxyribonucleotide' (DT)(DC)(DG)(DC)(DA)(DT)(DA)(DA)(DG)(DC)(DA)(DG)(DT)(DC)(DC)(DG)(DC)(DG) T
3 'polydeoxyribonucleotide' (DG)(DC)(DG)(DG)(DA)(DC)(DT)(DG)(DC)(DT)(DT)(DA)(DT) P
#
loop_
_chem_comp.id
_chem_comp.type
_chem_comp.name
_chem_comp.formula
CA non-polymer 'CALCIUM ION' 'Ca 2'
DA DNA linking 2'-DEOXYADENOSINE-5'-MONOPHOSPHATE 'C10 H14 N5 O6 P'
DC DNA linking 2'-DEOXYCYTIDINE-5'-MONOPHOSPHATE 'C9 H14 N3 O7 P'
DG DNA linking 2'-DEOXYGUANOSINE-5'-MONOPHOSPHATE 'C10 H14 N5 O7 P'
DGT non-polymer 2'-DEOXYGUANOSINE-5'-TRIPHOSPHATE 'C10 H16 N5 O13 P3'
DT DNA linking THYMIDINE-5'-MONOPHOSPHATE 'C10 H15 N2 O8 P'
#
# COMPACT_ATOMS: atom_id res chain seq x y z
N MET A 1 1.45 -12.11 33.14
CA MET A 1 0.79 -11.73 31.87
C MET A 1 0.31 -12.97 31.10
N LYS A 2 -0.57 -12.75 30.13
CA LYS A 2 -0.99 -13.83 29.25
C LYS A 2 0.12 -14.16 28.26
N GLU A 3 0.34 -15.45 28.02
CA GLU A 3 1.39 -15.87 27.11
C GLU A 3 1.03 -15.56 25.66
N PHE A 4 2.05 -15.35 24.83
CA PHE A 4 1.85 -15.22 23.39
C PHE A 4 3.02 -15.80 22.61
N TYR A 5 2.71 -16.44 21.48
CA TYR A 5 3.74 -16.98 20.59
C TYR A 5 4.56 -15.88 19.95
N LEU A 6 5.79 -16.20 19.58
CA LEU A 6 6.62 -15.32 18.78
C LEU A 6 6.71 -15.88 17.36
N THR A 7 7.16 -17.13 17.25
CA THR A 7 7.23 -17.83 15.97
C THR A 7 6.75 -19.26 16.16
N VAL A 8 6.33 -19.88 15.06
CA VAL A 8 5.90 -21.28 15.09
C VAL A 8 6.35 -21.97 13.80
N GLU A 9 6.88 -23.18 13.92
CA GLU A 9 7.28 -23.95 12.75
C GLU A 9 6.90 -25.42 12.91
N GLN A 10 6.62 -26.08 11.78
CA GLN A 10 6.56 -27.53 11.74
C GLN A 10 7.88 -28.06 11.19
N ILE A 11 8.54 -28.93 11.96
CA ILE A 11 9.73 -29.63 11.47
C ILE A 11 9.50 -31.13 11.66
N GLY A 12 9.15 -31.81 10.57
CA GLY A 12 8.77 -33.23 10.65
C GLY A 12 7.58 -33.39 11.58
N ASP A 13 7.76 -34.17 12.65
CA ASP A 13 6.67 -34.45 13.58
C ASP A 13 6.64 -33.54 14.80
N SER A 14 7.46 -32.50 14.77
CA SER A 14 7.52 -31.56 15.88
C SER A 14 7.04 -30.17 15.49
N ILE A 15 6.31 -29.55 16.40
CA ILE A 15 6.11 -28.11 16.37
C ILE A 15 7.24 -27.48 17.17
N PHE A 16 7.94 -26.54 16.53
CA PHE A 16 8.92 -25.70 17.23
C PHE A 16 8.31 -24.32 17.43
N GLU A 17 8.24 -23.90 18.69
CA GLU A 17 7.60 -22.63 19.05
C GLU A 17 8.51 -21.79 19.93
N ARG A 18 8.73 -20.55 19.52
CA ARG A 18 9.33 -19.55 20.39
C ARG A 18 8.16 -18.73 20.91
N TYR A 19 8.15 -18.46 22.22
CA TYR A 19 7.02 -17.75 22.82
C TYR A 19 7.46 -16.89 24.01
N ILE A 20 6.55 -16.03 24.44
CA ILE A 20 6.75 -15.26 25.68
C ILE A 20 5.88 -15.90 26.75
N ASP A 21 6.52 -16.33 27.85
CA ASP A 21 5.79 -17.00 28.92
C ASP A 21 5.05 -16.04 29.84
N SER A 22 4.37 -16.57 30.84
CA SER A 22 3.52 -15.78 31.74
C SER A 22 4.32 -14.79 32.60
N ASN A 23 5.65 -14.88 32.56
CA ASN A 23 6.53 -13.97 33.29
C ASN A 23 7.23 -12.95 32.40
N GLY A 24 6.92 -12.96 31.11
CA GLY A 24 7.50 -12.00 30.18
C GLY A 24 8.83 -12.42 29.59
N ARG A 25 9.20 -13.68 29.80
CA ARG A 25 10.46 -14.21 29.28
C ARG A 25 10.32 -14.96 27.96
N GLU A 26 11.33 -14.84 27.11
CA GLU A 26 11.37 -15.61 25.88
C GLU A 26 11.79 -17.05 26.12
N ARG A 27 11.02 -17.98 25.56
CA ARG A 27 11.26 -19.40 25.71
C ARG A 27 11.13 -20.09 24.35
N THR A 28 11.64 -21.30 24.26
CA THR A 28 11.45 -22.13 23.08
C THR A 28 11.08 -23.53 23.53
N ARG A 29 10.22 -24.18 22.77
CA ARG A 29 9.85 -25.56 23.07
C ARG A 29 9.59 -26.37 21.81
N GLU A 30 9.82 -27.67 21.94
CA GLU A 30 9.50 -28.62 20.90
C GLU A 30 8.33 -29.45 21.39
N VAL A 31 7.28 -29.52 20.58
CA VAL A 31 6.04 -30.18 20.98
C VAL A 31 5.64 -31.20 19.92
N GLU A 32 5.40 -32.44 20.36
CA GLU A 32 4.98 -33.52 19.47
C GLU A 32 3.47 -33.46 19.31
N TYR A 33 3.03 -32.41 18.64
CA TYR A 33 1.62 -32.07 18.48
C TYR A 33 0.87 -33.14 17.68
N LYS A 34 -0.26 -33.56 18.22
CA LYS A 34 -1.08 -34.58 17.59
C LYS A 34 -2.23 -33.87 16.90
N PRO A 35 -2.19 -33.78 15.56
CA PRO A 35 -3.26 -33.03 14.88
C PRO A 35 -4.52 -33.85 14.75
N SER A 36 -5.66 -33.17 14.60
CA SER A 36 -6.92 -33.82 14.30
C SER A 36 -7.42 -33.35 12.95
N LEU A 37 -7.93 -34.29 12.15
CA LEU A 37 -8.68 -33.97 10.94
C LEU A 37 -10.04 -34.65 11.03
N PHE A 38 -10.87 -34.49 10.00
CA PHE A 38 -12.27 -34.90 10.09
C PHE A 38 -12.77 -35.57 8.82
N ALA A 39 -13.67 -36.53 8.99
CA ALA A 39 -14.36 -37.17 7.90
C ALA A 39 -15.86 -37.10 8.17
N HIS A 40 -16.67 -37.02 7.12
CA HIS A 40 -18.12 -37.14 7.30
C HIS A 40 -18.42 -38.49 7.88
N CYS A 41 -19.46 -38.56 8.70
CA CYS A 41 -19.88 -39.80 9.34
C CYS A 41 -21.40 -39.96 9.25
N PRO A 42 -21.93 -41.17 9.54
CA PRO A 42 -23.39 -41.29 9.44
C PRO A 42 -24.15 -40.52 10.52
N GLU A 43 -25.42 -40.23 10.25
CA GLU A 43 -26.29 -39.50 11.16
C GLU A 43 -26.47 -40.21 12.50
N SER A 44 -26.56 -41.55 12.43
CA SER A 44 -26.72 -42.41 13.60
C SER A 44 -25.55 -42.33 14.58
N GLN A 45 -24.43 -41.78 14.12
CA GLN A 45 -23.23 -41.64 14.94
C GLN A 45 -23.26 -40.31 15.67
N ALA A 46 -23.36 -40.37 17.00
CA ALA A 46 -23.39 -39.19 17.86
C ALA A 46 -22.07 -38.43 17.80
N THR A 47 -22.15 -37.13 17.55
CA THR A 47 -20.97 -36.27 17.49
C THR A 47 -21.27 -34.83 17.89
N LYS A 48 -20.24 -34.09 18.27
CA LYS A 48 -20.37 -32.66 18.49
C LYS A 48 -19.73 -31.83 17.37
N TYR A 49 -19.16 -32.51 16.37
CA TYR A 49 -18.52 -31.82 15.24
C TYR A 49 -19.38 -31.86 13.99
N PHE A 50 -19.62 -30.68 13.43
CA PHE A 50 -20.41 -30.54 12.21
C PHE A 50 -19.68 -29.67 11.21
N ASP A 51 -19.74 -30.03 9.94
CA ASP A 51 -19.18 -29.17 8.90
C ASP A 51 -20.05 -27.90 8.76
N ILE A 52 -19.66 -26.97 7.90
CA ILE A 52 -20.32 -25.65 7.86
C ILE A 52 -21.76 -25.70 7.34
N TYR A 53 -22.11 -26.82 6.71
CA TYR A 53 -23.45 -27.08 6.19
C TYR A 53 -24.30 -27.94 7.13
N GLY A 54 -23.79 -28.21 8.33
CA GLY A 54 -24.54 -28.97 9.34
C GLY A 54 -24.51 -30.48 9.20
N LYS A 55 -23.63 -31.00 8.34
CA LYS A 55 -23.43 -32.45 8.21
C LYS A 55 -22.46 -32.92 9.30
N PRO A 56 -22.77 -34.06 9.96
CA PRO A 56 -21.97 -34.55 11.09
C PRO A 56 -20.60 -35.08 10.66
N CYS A 57 -19.60 -34.91 11.53
CA CYS A 57 -18.24 -35.34 11.25
C CYS A 57 -17.67 -36.12 12.42
N THR A 58 -16.81 -37.09 12.11
CA THR A 58 -16.03 -37.74 13.15
C THR A 58 -14.62 -37.14 13.18
N ARG A 59 -14.09 -36.94 14.39
CA ARG A 59 -12.74 -36.43 14.55
C ARG A 59 -11.75 -37.57 14.54
N LYS A 60 -10.68 -37.41 13.75
CA LYS A 60 -9.61 -38.38 13.70
C LYS A 60 -8.34 -37.81 14.30
N LEU A 61 -7.90 -38.42 15.40
CA LEU A 61 -6.68 -38.00 16.09
C LEU A 61 -5.52 -38.83 15.56
N PHE A 62 -4.46 -38.15 15.13
CA PHE A 62 -3.32 -38.85 14.54
C PHE A 62 -2.14 -38.96 15.50
N ALA A 63 -1.36 -40.03 15.37
CA ALA A 63 -0.19 -40.25 16.20
C ALA A 63 0.85 -39.15 15.99
N ASN A 64 0.83 -38.54 14.81
CA ASN A 64 1.75 -37.48 14.44
C ASN A 64 1.28 -36.76 13.17
N MET A 65 1.94 -35.65 12.84
CA MET A 65 1.54 -34.81 11.71
C MET A 65 1.74 -35.47 10.35
N ARG A 66 2.80 -36.27 10.22
CA ARG A 66 3.04 -37.02 8.99
C ARG A 66 1.93 -38.04 8.72
N ASP A 67 1.43 -38.71 9.76
CA ASP A 67 0.29 -39.62 9.60
C ASP A 67 -0.93 -38.87 9.05
N ALA A 68 -1.21 -37.70 9.63
CA ALA A 68 -2.31 -36.85 9.18
C ALA A 68 -2.16 -36.44 7.70
N SER A 69 -0.96 -36.03 7.32
CA SER A 69 -0.66 -35.66 5.92
C SER A 69 -0.82 -36.83 4.97
N GLN A 70 -0.36 -38.01 5.40
CA GLN A 70 -0.51 -39.22 4.60
C GLN A 70 -1.98 -39.62 4.47
N TRP A 71 -2.76 -39.39 5.52
CA TRP A 71 -4.19 -39.66 5.50
C TRP A 71 -4.91 -38.81 4.47
N ILE A 72 -4.54 -37.53 4.41
CA ILE A 72 -5.10 -36.62 3.40
C ILE A 72 -4.87 -37.18 2.00
N LYS A 73 -3.65 -37.63 1.72
CA LYS A 73 -3.31 -38.26 0.43
C LYS A 73 -4.19 -39.46 0.09
N ARG A 74 -4.37 -40.37 1.05
CA ARG A 74 -5.17 -41.57 0.82
C ARG A 74 -6.66 -41.26 0.62
N MET A 75 -7.16 -40.25 1.34
CA MET A 75 -8.53 -39.77 1.15
C MET A 75 -8.74 -39.25 -0.28
N GLU A 76 -7.73 -38.57 -0.81
CA GLU A 76 -7.74 -38.13 -2.22
C GLU A 76 -7.73 -39.35 -3.15
N ASP A 77 -6.85 -40.31 -2.87
CA ASP A 77 -6.82 -41.58 -3.59
C ASP A 77 -8.18 -42.29 -3.60
N ILE A 78 -8.87 -42.25 -2.47
CA ILE A 78 -10.20 -42.85 -2.35
C ILE A 78 -11.26 -42.00 -3.07
N GLY A 79 -11.12 -40.68 -2.98
CA GLY A 79 -12.08 -39.74 -3.56
C GLY A 79 -13.07 -39.21 -2.54
N LEU A 80 -12.57 -38.92 -1.33
CA LEU A 80 -13.41 -38.44 -0.25
C LEU A 80 -12.80 -37.21 0.40
N GLU A 81 -13.67 -36.28 0.81
CA GLU A 81 -13.22 -35.05 1.44
C GLU A 81 -12.51 -35.32 2.76
N ALA A 82 -11.30 -34.77 2.89
CA ALA A 82 -10.56 -34.77 4.15
C ALA A 82 -10.71 -33.38 4.76
N LEU A 83 -11.54 -33.26 5.79
CA LEU A 83 -11.88 -31.94 6.35
C LEU A 83 -10.93 -31.52 7.48
N GLY A 84 -10.89 -30.22 7.77
CA GLY A 84 -10.06 -29.69 8.87
C GLY A 84 -8.88 -28.85 8.43
N MET A 85 -8.22 -28.22 9.40
CA MET A 85 -7.08 -27.34 9.13
C MET A 85 -5.85 -28.18 8.79
N ASP A 86 -5.51 -28.19 7.51
CA ASP A 86 -4.40 -28.99 6.98
C ASP A 86 -3.04 -28.35 7.23
N ASP A 87 -3.04 -27.07 7.60
CA ASP A 87 -1.83 -26.40 8.04
C ASP A 87 -1.71 -26.54 9.57
N PHE A 88 -0.95 -27.54 10.00
CA PHE A 88 -0.99 -27.98 11.40
C PHE A 88 -0.48 -26.95 12.40
N LYS A 89 0.43 -26.08 11.99
CA LYS A 89 0.87 -25.02 12.89
C LYS A 89 -0.22 -24.01 13.23
N LEU A 90 -1.13 -23.74 12.28
CA LEU A 90 -2.29 -22.90 12.57
C LEU A 90 -3.24 -23.56 13.58
N ALA A 91 -3.42 -24.87 13.45
CA ALA A 91 -4.21 -25.64 14.40
C ALA A 91 -3.53 -25.67 15.78
N TYR A 92 -2.21 -25.81 15.79
CA TYR A 92 -1.41 -25.74 17.02
C TYR A 92 -1.62 -24.41 17.75
N LEU A 93 -1.54 -23.29 17.01
CA LEU A 93 -1.73 -21.97 17.61
C LEU A 93 -3.15 -21.80 18.12
N SER A 94 -4.11 -22.35 17.39
CA SER A 94 -5.51 -22.28 17.76
C SER A 94 -5.78 -23.00 19.09
N ASP A 95 -5.15 -24.16 19.27
CA ASP A 95 -5.25 -24.96 20.50
C ASP A 95 -4.50 -24.32 21.66
N THR A 96 -3.33 -23.76 21.37
CA THR A 96 -2.41 -23.29 22.40
C THR A 96 -2.78 -21.88 22.88
N TYR A 97 -3.36 -21.08 21.99
CA TYR A 97 -3.78 -19.70 22.31
C TYR A 97 -5.26 -19.52 22.06
N ASN A 98 -6.07 -20.16 22.87
CA ASN A 98 -7.51 -20.15 22.68
C ASN A 98 -8.16 -18.98 23.41
N TYR A 99 -7.76 -17.77 23.03
CA TYR A 99 -8.27 -16.51 23.57
C TYR A 99 -7.76 -15.41 22.66
N GLU A 100 -8.35 -14.20 22.78
CA GLU A 100 -7.83 -13.05 22.05
C GLU A 100 -6.42 -12.75 22.55
N ILE A 101 -5.46 -12.77 21.64
CA ILE A 101 -4.07 -12.53 22.01
C ILE A 101 -3.83 -11.06 22.38
N LYS A 102 -3.32 -10.86 23.60
CA LYS A 102 -2.80 -9.58 24.03
C LYS A 102 -1.28 -9.70 24.00
N TYR A 103 -0.64 -8.97 23.10
CA TYR A 103 0.81 -9.05 22.97
C TYR A 103 1.50 -7.79 23.52
N ASP A 104 2.77 -7.94 23.89
CA ASP A 104 3.57 -6.85 24.40
C ASP A 104 4.78 -6.69 23.49
N HIS A 105 4.76 -5.66 22.64
CA HIS A 105 5.78 -5.46 21.63
C HIS A 105 7.16 -5.26 22.21
N THR A 106 7.23 -4.77 23.45
CA THR A 106 8.52 -4.53 24.12
C THR A 106 9.28 -5.83 24.39
N LYS A 107 8.58 -6.96 24.38
CA LYS A 107 9.18 -8.28 24.57
C LYS A 107 9.52 -8.97 23.25
N ILE A 108 9.13 -8.37 22.14
CA ILE A 108 9.38 -8.94 20.83
C ILE A 108 10.68 -8.35 20.28
N ARG A 109 11.66 -9.22 19.99
CA ARG A 109 12.95 -8.75 19.47
C ARG A 109 12.83 -8.45 18.00
N VAL A 110 12.88 -7.16 17.67
CA VAL A 110 12.78 -6.70 16.30
C VAL A 110 14.18 -6.28 15.86
N ALA A 111 14.70 -6.98 14.88
CA ALA A 111 16.02 -6.69 14.36
C ALA A 111 15.96 -6.05 12.97
N ASN A 112 16.66 -4.92 12.86
CA ASN A 112 16.81 -4.17 11.62
CA ASN A 112 16.80 -4.19 11.61
C ASN A 112 18.28 -4.22 11.22
N PHE A 113 18.59 -4.84 10.10
CA PHE A 113 20.00 -4.91 9.68
C PHE A 113 20.29 -4.55 8.22
N ASP A 114 21.55 -4.23 7.96
CA ASP A 114 22.03 -3.93 6.61
C ASP A 114 23.49 -4.35 6.52
N ILE A 115 23.89 -4.93 5.38
CA ILE A 115 25.28 -5.32 5.17
C ILE A 115 25.91 -4.51 4.03
N GLU A 116 27.24 -4.40 4.04
CA GLU A 116 27.97 -3.87 2.90
C GLU A 116 28.91 -4.95 2.37
N VAL A 117 29.08 -4.96 1.05
CA VAL A 117 29.93 -5.90 0.35
C VAL A 117 30.61 -5.15 -0.81
N THR A 118 31.93 -5.00 -0.72
CA THR A 118 32.69 -4.35 -1.80
C THR A 118 32.86 -5.34 -2.96
N SER A 119 32.51 -4.88 -4.17
CA SER A 119 32.65 -5.71 -5.36
C SER A 119 33.19 -4.90 -6.55
N PRO A 120 34.35 -5.30 -7.10
CA PRO A 120 34.93 -4.61 -8.26
C PRO A 120 34.31 -5.02 -9.60
N ASP A 121 33.74 -6.22 -9.65
CA ASP A 121 33.20 -6.78 -10.91
C ASP A 121 31.67 -6.76 -10.99
N GLY A 122 31.06 -5.68 -10.51
CA GLY A 122 29.63 -5.50 -10.62
C GLY A 122 28.88 -5.96 -9.38
N PHE A 123 27.58 -6.23 -9.56
CA PHE A 123 26.69 -6.55 -8.45
C PHE A 123 27.05 -7.87 -7.76
N PRO A 124 27.24 -7.82 -6.43
CA PRO A 124 27.60 -9.02 -5.66
C PRO A 124 26.41 -9.98 -5.54
N GLU A 125 26.39 -11.01 -6.39
CA GLU A 125 25.31 -12.00 -6.40
C GLU A 125 25.22 -12.80 -5.10
N PRO A 126 24.08 -12.69 -4.39
CA PRO A 126 23.93 -13.39 -3.10
C PRO A 126 24.06 -14.91 -3.19
N SER A 127 23.62 -15.52 -4.30
CA SER A 127 23.74 -16.97 -4.47
C SER A 127 25.19 -17.42 -4.65
N GLN A 128 26.07 -16.52 -5.09
CA GLN A 128 27.50 -16.82 -5.21
C GLN A 128 28.28 -16.41 -3.96
N ALA A 129 27.95 -15.24 -3.41
CA ALA A 129 28.64 -14.65 -2.25
C ALA A 129 30.17 -14.79 -2.30
N LYS A 130 30.78 -14.27 -3.37
CA LYS A 130 32.20 -14.46 -3.59
C LYS A 130 33.07 -13.33 -3.06
N HIS A 131 32.43 -12.28 -2.55
CA HIS A 131 33.15 -11.14 -1.98
C HIS A 131 32.94 -11.04 -0.49
N PRO A 132 33.98 -10.59 0.24
CA PRO A 132 33.84 -10.50 1.70
C PRO A 132 32.73 -9.56 2.17
N ILE A 133 32.06 -9.91 3.26
CA ILE A 133 31.17 -8.97 3.92
C ILE A 133 32.06 -8.05 4.74
N ASP A 134 32.09 -6.77 4.40
CA ASP A 134 32.98 -5.83 5.08
C ASP A 134 32.34 -4.89 6.10
N ALA A 135 31.01 -4.95 6.22
CA ALA A 135 30.31 -4.20 7.26
C ALA A 135 28.92 -4.77 7.52
N ILE A 136 28.56 -4.90 8.80
CA ILE A 136 27.18 -5.17 9.21
C ILE A 136 26.76 -4.19 10.30
N THR A 137 25.64 -3.50 10.10
CA THR A 137 24.99 -2.80 11.21
C THR A 137 23.68 -3.48 11.53
N HIS A 138 23.52 -3.86 12.79
CA HIS A 138 22.38 -4.64 13.26
C HIS A 138 21.80 -3.94 14.45
N TYR A 139 20.62 -3.34 14.26
CA TYR A 139 19.88 -2.69 15.34
C TYR A 139 18.96 -3.68 16.04
N ASP A 140 18.99 -3.65 17.37
CA ASP A 140 18.17 -4.53 18.19
C ASP A 140 17.16 -3.68 18.97
N SER A 141 15.87 -3.95 18.78
CA SER A 141 14.81 -3.16 19.42
C SER A 141 14.75 -3.31 20.94
N ILE A 142 15.14 -4.46 21.46
CA ILE A 142 15.15 -4.70 22.91
C ILE A 142 16.29 -3.94 23.60
N ASP A 143 17.50 -4.01 23.04
CA ASP A 143 18.64 -3.25 23.56
C ASP A 143 18.58 -1.77 23.19
N ASP A 144 17.87 -1.46 22.11
CA ASP A 144 17.85 -0.11 21.54
C ASP A 144 19.29 0.30 21.21
N ARG A 145 20.03 -0.62 20.59
CA ARG A 145 21.42 -0.37 20.21
C ARG A 145 21.71 -0.76 18.77
N PHE A 146 22.59 0.02 18.14
CA PHE A 146 23.12 -0.30 16.81
C PHE A 146 24.44 -1.01 16.98
N TYR A 147 24.48 -2.29 16.64
CA TYR A 147 25.71 -3.08 16.69
C TYR A 147 26.42 -3.03 15.34
N VAL A 148 27.63 -2.46 15.34
CA VAL A 148 28.38 -2.22 14.10
C VAL A 148 29.56 -3.18 14.04
N PHE A 149 29.55 -4.05 13.04
CA PHE A 149 30.62 -5.01 12.79
C PHE A 149 31.41 -4.53 11.58
N ASP A 150 32.68 -4.15 11.81
CA ASP A 150 33.47 -3.44 10.80
C ASP A 150 34.72 -4.21 10.39
N LEU A 151 34.84 -4.56 9.12
CA LEU A 151 36.01 -5.29 8.62
C LEU A 151 37.13 -4.33 8.25
N LEU A 152 38.24 -4.43 8.97
CA LEU A 152 39.39 -3.53 8.74
C LEU A 152 40.36 -4.05 7.69
N ASN A 153 40.38 -5.37 7.51
CA ASN A 153 41.32 -6.03 6.60
C ASN A 153 40.60 -6.93 5.61
N SER A 154 40.79 -6.61 4.33
CA SER A 154 40.11 -7.29 3.24
C SER A 154 41.11 -7.43 2.10
N PRO A 155 40.87 -8.37 1.17
CA PRO A 155 41.64 -8.37 -0.09
C PRO A 155 41.43 -7.08 -0.93
N TYR A 156 40.34 -6.35 -0.68
CA TYR A 156 40.08 -5.12 -1.43
C TYR A 156 40.55 -3.86 -0.70
N GLY A 157 41.30 -4.05 0.37
CA GLY A 157 41.94 -2.93 1.07
C GLY A 157 41.95 -3.06 2.58
N ASN A 158 43.04 -2.58 3.18
CA ASN A 158 43.15 -2.45 4.63
C ASN A 158 42.86 -1.00 5.05
N VAL A 159 42.00 -0.86 6.05
CA VAL A 159 41.52 0.45 6.46
C VAL A 159 41.72 0.71 7.95
N GLU A 160 41.56 1.96 8.35
CA GLU A 160 41.62 2.37 9.76
C GLU A 160 40.24 2.25 10.38
N GLU A 161 40.18 2.21 11.70
CA GLU A 161 38.91 2.16 12.41
C GLU A 161 38.03 3.36 12.09
N TRP A 162 36.72 3.13 12.12
CA TRP A 162 35.75 4.20 11.99
C TRP A 162 35.77 5.03 13.23
N SER A 163 35.64 6.36 13.06
CA SER A 163 35.68 7.28 14.19
C SER A 163 34.29 7.83 14.51
N ILE A 164 33.81 7.57 15.72
CA ILE A 164 32.49 8.05 16.17
C ILE A 164 32.43 9.58 16.25
N GLU A 165 33.58 10.19 16.60
CA GLU A 165 33.69 11.63 16.76
C GLU A 165 33.51 12.34 15.41
N ILE A 166 34.20 11.85 14.38
CA ILE A 166 34.04 12.41 13.04
C ILE A 166 32.64 12.13 12.51
N ALA A 167 32.10 10.94 12.82
CA ALA A 167 30.76 10.55 12.39
C ALA A 167 29.69 11.54 12.86
N ALA A 168 29.85 12.03 14.08
CA ALA A 168 28.89 12.95 14.70
C ALA A 168 28.95 14.36 14.13
N LYS A 169 30.13 14.78 13.68
CA LYS A 169 30.34 16.13 13.16
C LYS A 169 29.50 16.43 11.92
N LEU A 170 29.21 17.72 11.71
CA LEU A 170 28.51 18.18 10.52
C LEU A 170 29.27 17.86 9.23
N GLN A 171 28.53 17.70 8.13
CA GLN A 171 29.11 17.58 6.79
C GLN A 171 30.07 18.74 6.50
N GLU A 172 29.74 19.91 7.04
CA GLU A 172 30.53 21.13 6.90
C GLU A 172 31.79 21.15 7.78
N GLN A 173 31.88 20.20 8.69
CA GLN A 173 33.10 19.98 9.48
C GLN A 173 33.93 18.83 8.93
N GLY A 174 33.47 18.25 7.83
CA GLY A 174 34.14 17.08 7.27
C GLY A 174 33.63 15.79 7.91
N GLY A 175 32.51 15.89 8.62
CA GLY A 175 31.91 14.74 9.30
C GLY A 175 30.80 14.09 8.49
N ASP A 176 30.16 13.09 9.08
CA ASP A 176 29.15 12.32 8.37
C ASP A 176 27.72 12.63 8.80
N GLU A 177 27.59 13.48 9.82
CA GLU A 177 26.29 13.84 10.40
C GLU A 177 25.43 12.63 10.78
N VAL A 178 26.02 11.66 11.45
CA VAL A 178 25.23 10.60 12.05
C VAL A 178 24.40 11.29 13.13
N PRO A 179 23.06 11.17 13.08
CA PRO A 179 22.16 11.91 13.96
C PRO A 179 22.56 11.78 15.43
N SER A 180 22.61 12.91 16.12
CA SER A 180 23.04 12.95 17.52
C SER A 180 22.23 12.01 18.42
N GLU A 181 20.93 11.87 18.13
CA GLU A 181 20.07 11.01 18.95
C GLU A 181 20.40 9.51 18.90
N ILE A 182 21.24 9.08 17.97
CA ILE A 182 21.70 7.67 17.95
C ILE A 182 23.18 7.47 18.29
N ILE A 183 23.94 8.57 18.38
CA ILE A 183 25.38 8.49 18.64
C ILE A 183 25.71 7.62 19.86
N ASP A 184 24.98 7.84 20.95
CA ASP A 184 25.20 7.09 22.20
C ASP A 184 24.66 5.66 22.13
N LYS A 185 24.02 5.31 21.02
CA LYS A 185 23.39 3.99 20.90
C LYS A 185 24.20 3.05 20.01
N ILE A 186 25.37 3.51 19.58
CA ILE A 186 26.23 2.73 18.69
C ILE A 186 27.24 1.92 19.48
N ILE A 187 27.32 0.63 19.18
CA ILE A 187 28.30 -0.25 19.79
C ILE A 187 29.17 -0.76 18.64
N TYR A 188 30.39 -0.22 18.58
CA TYR A 188 31.29 -0.41 17.45
C TYR A 188 32.32 -1.51 17.71
N MET A 189 32.39 -2.47 16.78
CA MET A 189 33.31 -3.59 16.88
C MET A 189 34.10 -3.76 15.57
N PRO A 190 35.38 -3.37 15.57
CA PRO A 190 36.24 -3.61 14.42
C PRO A 190 36.82 -5.02 14.43
N PHE A 191 37.12 -5.55 13.25
CA PHE A 191 37.66 -6.91 13.15
C PHE A 191 38.86 -6.96 12.22
N ASP A 192 39.84 -7.75 12.60
CA ASP A 192 41.06 -7.87 11.80
CA ASP A 192 41.09 -7.95 11.86
C ASP A 192 40.91 -8.83 10.62
N ASN A 193 39.84 -9.62 10.61
CA ASN A 193 39.60 -10.54 9.50
C ASN A 193 38.13 -10.94 9.43
N GLU A 194 37.68 -11.35 8.24
CA GLU A 194 36.28 -11.63 8.00
C GLU A 194 35.76 -12.82 8.80
N LYS A 195 36.58 -13.86 8.94
CA LYS A 195 36.19 -15.05 9.69
C LYS A 195 35.78 -14.73 11.12
N GLU A 196 36.57 -13.91 11.81
CA GLU A 196 36.23 -13.54 13.18
C GLU A 196 34.99 -12.63 13.24
N LEU A 197 34.86 -11.70 12.29
CA LEU A 197 33.66 -10.86 12.18
C LEU A 197 32.41 -11.75 12.12
N LEU A 198 32.41 -12.71 11.20
CA LEU A 198 31.27 -13.59 10.98
C LEU A 198 30.99 -14.53 12.16
N MET A 199 32.04 -15.07 12.76
CA MET A 199 31.88 -15.94 13.94
C MET A 199 31.30 -15.17 15.11
N GLU A 200 31.79 -13.96 15.33
CA GLU A 200 31.25 -13.09 16.37
C GLU A 200 29.82 -12.65 16.08
N TYR A 201 29.51 -12.38 14.81
CA TYR A 201 28.12 -12.06 14.42
C TYR A 201 27.14 -13.19 14.75
N LEU A 202 27.54 -14.43 14.44
CA LEU A 202 26.72 -15.61 14.75
C LEU A 202 26.53 -15.84 16.24
N ASN A 203 27.60 -15.68 17.02
CA ASN A 203 27.50 -15.71 18.49
C ASN A 203 26.57 -14.63 19.03
N PHE A 204 26.68 -13.44 18.46
CA PHE A 204 25.82 -12.31 18.80
C PHE A 204 24.36 -12.66 18.47
N TRP A 205 24.14 -13.18 17.26
CA TRP A 205 22.84 -13.63 16.77
C TRP A 205 22.22 -14.67 17.66
N GLN A 206 23.05 -15.58 18.15
CA GLN A 206 22.63 -16.61 19.11
C GLN A 206 22.14 -15.99 20.42
N GLN A 207 22.82 -14.95 20.89
CA GLN A 207 22.42 -14.26 22.13
C GLN A 207 21.16 -13.42 21.91
N LYS A 208 21.05 -12.79 20.74
CA LYS A 208 19.99 -11.83 20.46
C LYS A 208 19.28 -12.24 19.18
N THR A 209 18.58 -13.36 19.21
CA THR A 209 17.98 -13.96 18.02
C THR A 209 16.73 -13.20 17.60
N PRO A 210 16.75 -12.62 16.40
CA PRO A 210 15.59 -11.85 15.94
C PRO A 210 14.33 -12.71 15.97
N VAL A 211 13.20 -12.10 16.34
CA VAL A 211 11.90 -12.70 16.11
C VAL A 211 11.38 -12.15 14.79
N ILE A 212 11.28 -10.82 14.72
CA ILE A 212 10.96 -10.11 13.50
C ILE A 212 12.29 -9.61 12.95
N LEU A 213 12.57 -9.96 11.70
CA LEU A 213 13.79 -9.54 11.04
C LEU A 213 13.42 -8.69 9.84
N THR A 214 13.95 -7.46 9.81
CA THR A 214 13.59 -6.53 8.75
C THR A 214 14.82 -5.72 8.31
N GLY A 215 14.59 -4.74 7.46
CA GLY A 215 15.64 -3.96 6.82
C GLY A 215 15.19 -3.69 5.39
N TRP A 216 16.10 -3.26 4.54
CA TRP A 216 15.74 -2.90 3.17
C TRP A 216 16.33 -3.87 2.18
N ASN A 217 15.48 -4.59 1.46
CA ASN A 217 15.91 -5.68 0.58
C ASN A 217 16.64 -6.81 1.32
N VAL A 218 16.33 -7.01 2.60
CA VAL A 218 17.00 -8.08 3.36
C VAL A 218 16.65 -9.49 2.87
N GLU A 219 15.41 -9.69 2.44
CA GLU A 219 14.97 -11.02 1.99
C GLU A 219 15.62 -11.39 0.66
N SER A 220 15.79 -10.41 -0.22
CA SER A 220 16.40 -10.68 -1.52
C SER A 220 17.93 -10.49 -1.56
N PHE A 221 18.48 -9.66 -0.68
CA PHE A 221 19.93 -9.47 -0.66
C PHE A 221 20.64 -9.90 0.62
N ALA A 222 20.44 -9.15 1.71
CA ALA A 222 21.26 -9.30 2.92
C ALA A 222 21.22 -10.71 3.50
N ILE A 223 20.04 -11.27 3.68
CA ILE A 223 19.91 -12.61 4.26
C ILE A 223 20.57 -13.70 3.39
N PRO A 224 20.21 -13.79 2.09
CA PRO A 224 20.88 -14.80 1.28
C PRO A 224 22.38 -14.56 1.12
N TYR A 225 22.81 -13.30 1.08
CA TYR A 225 24.25 -13.03 1.02
C TYR A 225 24.98 -13.53 2.27
N VAL A 226 24.46 -13.16 3.45
CA VAL A 226 25.08 -13.58 4.72
C VAL A 226 25.07 -15.10 4.83
N TYR A 227 23.92 -15.71 4.55
CA TYR A 227 23.80 -17.18 4.59
C TYR A 227 24.82 -17.87 3.69
N ASN A 228 24.88 -17.44 2.43
CA ASN A 228 25.77 -18.05 1.45
C ASN A 228 27.25 -17.79 1.68
N ARG A 229 27.57 -16.61 2.21
CA ARG A 229 28.96 -16.27 2.52
C ARG A 229 29.47 -17.13 3.68
N ILE A 230 28.67 -17.25 4.73
CA ILE A 230 29.00 -18.12 5.86
C ILE A 230 29.11 -19.57 5.40
N LYS A 231 28.16 -20.00 4.57
CA LYS A 231 28.21 -21.34 3.98
C LYS A 231 29.51 -21.60 3.20
N ASN A 232 29.93 -20.63 2.38
CA ASN A 232 31.13 -20.79 1.57
C ASN A 232 32.43 -20.84 2.39
N ILE A 233 32.50 -20.03 3.45
CA ILE A 233 33.66 -19.99 4.32
C ILE A 233 33.70 -21.15 5.32
N PHE A 234 32.56 -21.46 5.95
CA PHE A 234 32.55 -22.40 7.09
C PHE A 234 31.82 -23.71 6.84
N GLY A 235 30.95 -23.73 5.84
CA GLY A 235 30.09 -24.90 5.62
C GLY A 235 28.66 -24.66 6.04
N GLU A 236 27.78 -25.58 5.65
CA GLU A 236 26.34 -25.47 5.86
C GLU A 236 25.88 -25.36 7.31
N SER A 237 26.41 -26.21 8.18
CA SER A 237 25.94 -26.30 9.56
C SER A 237 26.11 -24.97 10.28
N THR A 238 27.21 -24.30 9.98
CA THR A 238 27.51 -23.00 10.58
C THR A 238 26.52 -21.95 10.04
N ALA A 239 26.25 -21.98 8.74
CA ALA A 239 25.30 -21.04 8.13
C ALA A 239 23.89 -21.20 8.70
N LYS A 240 23.51 -22.44 9.02
CA LYS A 240 22.18 -22.73 9.56
C LYS A 240 21.97 -22.23 10.99
N ARG A 241 23.03 -21.72 11.62
CA ARG A 241 22.92 -21.09 12.94
C ARG A 241 22.12 -19.77 12.90
N LEU A 242 21.84 -19.28 11.70
CA LEU A 242 20.95 -18.13 11.52
C LEU A 242 19.50 -18.48 11.86
N SER A 243 19.21 -19.79 11.84
CA SER A 243 17.93 -20.32 12.30
C SER A 243 18.06 -20.82 13.74
N PRO A 244 17.13 -20.40 14.63
CA PRO A 244 17.19 -20.88 16.00
C PRO A 244 16.93 -22.39 16.14
N HIS A 245 16.40 -23.00 15.09
CA HIS A 245 16.18 -24.44 15.08
C HIS A 245 17.14 -25.14 14.16
N ARG A 246 18.11 -24.39 13.65
CA ARG A 246 19.14 -24.91 12.72
C ARG A 246 18.53 -25.52 11.44
N LYS A 247 17.37 -25.02 11.03
CA LYS A 247 16.77 -25.46 9.79
C LYS A 247 16.56 -24.29 8.85
N THR A 248 17.02 -24.46 7.61
CA THR A 248 16.81 -23.47 6.55
C THR A 248 16.38 -24.19 5.28
N ARG A 249 15.78 -23.43 4.38
CA ARG A 249 15.38 -23.96 3.09
C ARG A 249 15.59 -22.88 2.04
N VAL A 250 16.21 -23.26 0.93
CA VAL A 250 16.21 -22.40 -0.25
C VAL A 250 14.79 -22.45 -0.81
N LYS A 251 14.12 -21.29 -0.84
CA LYS A 251 12.81 -21.22 -1.46
C LYS A 251 12.85 -20.45 -2.77
N VAL A 252 12.35 -21.09 -3.82
CA VAL A 252 12.30 -20.48 -5.15
C VAL A 252 11.03 -19.66 -5.30
N ILE A 253 11.20 -18.35 -5.51
CA ILE A 253 10.09 -17.44 -5.74
C ILE A 253 9.88 -17.32 -7.24
N GLU A 254 8.72 -17.79 -7.71
CA GLU A 254 8.42 -17.78 -9.14
C GLU A 254 7.44 -16.67 -9.52
N ASN A 255 7.68 -16.06 -10.68
CA ASN A 255 6.70 -15.16 -11.28
C ASN A 255 6.49 -15.43 -12.76
N MET A 256 5.68 -14.59 -13.41
CA MET A 256 5.27 -14.76 -14.80
C MET A 256 6.45 -14.95 -15.78
N TYR A 257 7.58 -14.30 -15.51
CA TYR A 257 8.69 -14.27 -16.46
C TYR A 257 10.01 -14.93 -16.00
N GLY A 258 10.07 -15.31 -14.73
CA GLY A 258 11.26 -15.96 -14.18
C GLY A 258 11.15 -16.29 -12.71
N SER A 259 12.25 -16.75 -12.12
CA SER A 259 12.26 -17.11 -10.71
C SER A 259 13.53 -16.65 -9.99
N ARG A 260 13.44 -16.51 -8.67
CA ARG A 260 14.57 -16.13 -7.82
C ARG A 260 14.55 -16.96 -6.55
N GLU A 261 15.66 -16.95 -5.82
CA GLU A 261 15.79 -17.75 -4.60
C GLU A 261 15.97 -16.91 -3.35
N ILE A 262 15.31 -17.33 -2.27
CA ILE A 262 15.47 -16.72 -0.97
C ILE A 262 15.79 -17.83 0.03
N ILE A 263 16.24 -17.46 1.22
CA ILE A 263 16.53 -18.44 2.25
C ILE A 263 15.52 -18.33 3.38
N THR A 264 14.73 -19.39 3.55
CA THR A 264 13.78 -19.46 4.64
C THR A 264 14.54 -19.86 5.91
N LEU A 265 14.47 -19.00 6.92
CA LEU A 265 15.07 -19.28 8.22
C LEU A 265 13.95 -19.70 9.16
N PHE A 266 13.87 -20.99 9.44
CA PHE A 266 12.85 -21.52 10.36
C PHE A 266 13.02 -20.87 11.73
N GLY A 267 11.91 -20.43 12.30
CA GLY A 267 11.91 -19.81 13.64
C GLY A 267 12.24 -18.33 13.64
N ILE A 268 12.28 -17.74 12.45
CA ILE A 268 12.41 -16.29 12.29
C ILE A 268 11.28 -15.79 11.37
N SER A 269 10.73 -14.61 11.65
CA SER A 269 9.72 -14.01 10.79
C SER A 269 10.32 -12.82 10.04
N VAL A 270 10.60 -13.04 8.75
CA VAL A 270 11.22 -12.02 7.93
C VAL A 270 10.16 -11.11 7.32
N LEU A 271 10.22 -9.83 7.69
CA LEU A 271 9.35 -8.82 7.14
C LEU A 271 10.23 -7.77 6.48
N ASP A 272 10.64 -8.04 5.25
CA ASP A 272 11.49 -7.11 4.51
C ASP A 272 10.74 -5.78 4.38
N TYR A 273 11.35 -4.68 4.81
CA TYR A 273 10.64 -3.39 4.83
C TYR A 273 10.23 -2.90 3.45
N ILE A 274 11.02 -3.21 2.42
CA ILE A 274 10.61 -2.87 1.05
C ILE A 274 9.25 -3.49 0.70
N ASP A 275 9.04 -4.73 1.12
CA ASP A 275 7.78 -5.42 0.85
C ASP A 275 6.65 -4.92 1.75
N LEU A 276 6.96 -4.62 3.01
CA LEU A 276 5.98 -3.96 3.88
C LEU A 276 5.51 -2.65 3.26
N TYR A 277 6.45 -1.85 2.79
CA TYR A 277 6.16 -0.56 2.18
C TYR A 277 5.29 -0.72 0.93
N LYS A 278 5.68 -1.62 0.03
CA LYS A 278 4.91 -1.84 -1.19
C LYS A 278 3.46 -2.28 -0.88
N LYS A 279 3.28 -3.12 0.13
CA LYS A 279 1.94 -3.60 0.46
C LYS A 279 1.10 -2.55 1.18
N PHE A 280 1.71 -1.84 2.12
CA PHE A 280 0.95 -1.03 3.07
C PHE A 280 0.94 0.49 2.83
N SER A 281 1.83 1.00 1.97
CA SER A 281 1.97 2.46 1.80
C SER A 281 0.93 3.10 0.89
N PHE A 282 0.37 2.31 -0.02
CA PHE A 282 -0.51 2.79 -1.09
C PHE A 282 0.10 3.94 -1.89
N THR A 283 1.33 3.71 -2.31
CA THR A 283 2.04 4.57 -3.23
C THR A 283 2.48 3.68 -4.39
N ASN A 284 2.84 4.31 -5.49
CA ASN A 284 3.60 3.63 -6.52
C ASN A 284 4.74 4.56 -6.85
N GLN A 285 5.95 4.10 -6.56
CA GLN A 285 7.12 4.96 -6.60
C GLN A 285 7.92 4.77 -7.88
N PRO A 286 8.55 5.85 -8.37
CA PRO A 286 9.44 5.75 -9.54
C PRO A 286 10.67 4.89 -9.22
N SER A 287 11.06 4.86 -7.95
CA SER A 287 12.21 4.07 -7.50
C SER A 287 11.97 3.56 -6.09
N TYR A 288 12.55 2.41 -5.77
CA TYR A 288 12.46 1.85 -4.42
C TYR A 288 13.82 1.70 -3.75
N SER A 289 14.79 2.50 -4.18
CA SER A 289 16.04 2.63 -3.44
C SER A 289 15.73 3.29 -2.10
N LEU A 290 16.52 2.95 -1.08
CA LEU A 290 16.28 3.49 0.26
C LEU A 290 16.46 5.01 0.30
N ASP A 291 17.45 5.50 -0.45
CA ASP A 291 17.66 6.94 -0.62
C ASP A 291 16.40 7.62 -1.15
N TYR A 292 15.80 7.04 -2.19
CA TYR A 292 14.60 7.63 -2.79
C TYR A 292 13.40 7.63 -1.85
N ILE A 293 13.17 6.51 -1.17
CA ILE A 293 12.02 6.39 -0.28
C ILE A 293 12.24 7.24 0.98
N SER A 294 13.46 7.27 1.49
CA SER A 294 13.80 8.09 2.65
C SER A 294 13.54 9.56 2.38
N GLU A 295 13.97 10.03 1.21
CA GLU A 295 13.71 11.40 0.79
C GLU A 295 12.21 11.66 0.71
N PHE A 296 11.48 10.72 0.12
CA PHE A 296 10.04 10.90 -0.06
C PHE A 296 9.30 10.92 1.28
N GLU A 297 9.67 10.03 2.19
CA GLU A 297 8.94 9.85 3.44
C GLU A 297 9.34 10.87 4.51
N LEU A 298 10.63 11.21 4.54
CA LEU A 298 11.21 11.95 5.67
C LEU A 298 11.75 13.32 5.30
N ASN A 299 11.84 13.59 4.00
CA ASN A 299 12.48 14.81 3.49
C ASN A 299 13.91 14.98 3.98
N VAL A 300 14.66 13.88 3.97
CA VAL A 300 16.09 13.90 4.24
C VAL A 300 16.82 13.84 2.91
N GLY A 301 17.91 14.59 2.80
CA GLY A 301 18.71 14.63 1.59
C GLY A 301 19.44 13.32 1.35
N LYS A 302 19.71 13.03 0.08
CA LYS A 302 20.46 11.83 -0.32
C LYS A 302 21.82 11.73 0.37
N LEU A 303 22.21 10.51 0.75
CA LEU A 303 23.57 10.27 1.29
C LEU A 303 24.61 10.46 0.18
N LYS A 304 25.42 11.50 0.34
CA LYS A 304 26.32 11.97 -0.72
C LYS A 304 27.75 11.45 -0.55
N TYR A 305 28.28 10.87 -1.62
CA TYR A 305 29.70 10.45 -1.70
C TYR A 305 30.25 10.58 -3.11
N ASP A 306 31.58 10.68 -3.22
CA ASP A 306 32.26 10.73 -4.51
C ASP A 306 32.67 9.34 -4.97
N GLY A 307 32.71 9.13 -6.28
CA GLY A 307 33.12 7.85 -6.86
C GLY A 307 32.09 6.74 -6.70
N PRO A 308 32.32 5.59 -7.34
CA PRO A 308 31.37 4.48 -7.25
C PRO A 308 31.41 3.81 -5.87
N ILE A 309 30.31 3.14 -5.51
CA ILE A 309 30.20 2.45 -4.22
C ILE A 309 31.30 1.39 -4.08
N SER A 310 31.74 0.84 -5.20
CA SER A 310 32.79 -0.17 -5.25
C SER A 310 34.16 0.34 -4.79
N LYS A 311 34.31 1.66 -4.73
CA LYS A 311 35.56 2.27 -4.28
C LYS A 311 35.40 3.10 -3.02
N LEU A 312 34.19 3.17 -2.48
CA LEU A 312 33.93 3.97 -1.27
C LEU A 312 34.69 3.48 -0.04
N ARG A 313 34.72 2.16 0.17
CA ARG A 313 35.44 1.62 1.34
C ARG A 313 36.92 2.01 1.34
N GLU A 314 37.60 1.80 0.21
CA GLU A 314 39.04 2.09 0.15
C GLU A 314 39.35 3.59 0.18
N SER A 315 38.50 4.40 -0.43
CA SER A 315 38.75 5.84 -0.50
C SER A 315 38.27 6.58 0.76
N ASN A 316 37.13 6.14 1.31
CA ASN A 316 36.55 6.82 2.47
C ASN A 316 35.76 5.85 3.35
N HIS A 317 36.50 4.99 4.05
CA HIS A 317 35.94 4.00 4.96
C HIS A 317 35.13 4.64 6.06
N GLN A 318 35.57 5.79 6.53
CA GLN A 318 34.85 6.57 7.54
C GLN A 318 33.40 6.80 7.10
N ARG A 319 33.21 7.35 5.90
CA ARG A 319 31.89 7.62 5.36
C ARG A 319 31.14 6.31 5.04
N TYR A 320 31.89 5.33 4.57
CA TYR A 320 31.36 4.00 4.23
C TYR A 320 30.59 3.36 5.40
N ILE A 321 31.20 3.37 6.58
CA ILE A 321 30.57 2.82 7.79
C ILE A 321 29.42 3.71 8.29
N SER A 322 29.63 5.03 8.30
CA SER A 322 28.59 5.96 8.76
C SER A 322 27.31 5.84 7.93
N TYR A 323 27.47 5.64 6.63
CA TYR A 323 26.32 5.52 5.73
C TYR A 323 25.61 4.18 5.92
N ASN A 324 26.37 3.13 6.26
CA ASN A 324 25.78 1.85 6.64
C ASN A 324 24.91 1.98 7.91
N ILE A 325 25.42 2.69 8.92
CA ILE A 325 24.65 2.97 10.14
C ILE A 325 23.39 3.81 9.82
N ILE A 326 23.58 4.89 9.08
CA ILE A 326 22.47 5.79 8.73
C ILE A 326 21.36 5.07 7.96
N ALA A 327 21.75 4.22 7.02
CA ALA A 327 20.81 3.40 6.25
C ALA A 327 19.90 2.53 7.14
N VAL A 328 20.45 1.94 8.19
CA VAL A 328 19.63 1.17 9.14
C VAL A 328 18.68 2.10 9.90
N TYR A 329 19.20 3.25 10.32
CA TYR A 329 18.39 4.22 11.04
C TYR A 329 17.25 4.77 10.18
N ARG A 330 17.49 4.98 8.89
CA ARG A 330 16.45 5.48 7.98
CA ARG A 330 16.43 5.49 8.00
C ARG A 330 15.23 4.57 7.98
N VAL A 331 15.45 3.25 7.96
CA VAL A 331 14.33 2.30 8.00
C VAL A 331 13.53 2.43 9.30
N LEU A 332 14.22 2.60 10.42
CA LEU A 332 13.56 2.84 11.71
C LEU A 332 12.76 4.14 11.71
N GLN A 333 13.29 5.17 11.05
CA GLN A 333 12.61 6.44 10.94
C GLN A 333 11.35 6.33 10.09
N ILE A 334 11.45 5.60 8.98
CA ILE A 334 10.26 5.36 8.16
C ILE A 334 9.21 4.59 8.98
N ASP A 335 9.66 3.61 9.75
CA ASP A 335 8.71 2.84 10.56
C ASP A 335 8.10 3.63 11.70
N ALA A 336 8.87 4.54 12.31
CA ALA A 336 8.34 5.43 13.34
C ALA A 336 7.15 6.22 12.78
N LYS A 337 7.28 6.65 11.52
CA LYS A 337 6.22 7.36 10.82
C LYS A 337 5.06 6.45 10.40
N ARG A 338 5.37 5.43 9.58
CA ARG A 338 4.35 4.61 8.91
C ARG A 338 3.74 3.52 9.76
N GLN A 339 4.54 3.00 10.69
CA GLN A 339 4.09 2.02 11.70
C GLN A 339 3.62 0.69 11.07
N PHE A 340 4.32 0.27 10.03
CA PHE A 340 4.02 -1.00 9.35
C PHE A 340 4.36 -2.25 10.17
N ILE A 341 5.38 -2.17 11.02
CA ILE A 341 5.71 -3.31 11.92
C ILE A 341 4.59 -3.51 12.94
N ASN A 342 4.18 -2.41 13.57
CA ASN A 342 3.03 -2.39 14.48
C ASN A 342 1.77 -3.00 13.85
N LEU A 343 1.49 -2.59 12.61
CA LEU A 343 0.36 -3.12 11.85
C LEU A 343 0.47 -4.62 11.63
N SER A 344 1.67 -5.08 11.29
CA SER A 344 1.91 -6.49 10.99
C SER A 344 1.66 -7.36 12.23
N LEU A 345 2.18 -6.89 13.36
CA LEU A 345 2.01 -7.57 14.64
C LEU A 345 0.52 -7.63 15.02
N ASP A 346 -0.16 -6.49 14.97
CA ASP A 346 -1.60 -6.42 15.19
C ASP A 346 -2.38 -7.47 14.38
N MET A 347 -2.18 -7.46 13.06
CA MET A 347 -2.93 -8.32 12.14
C MET A 347 -2.59 -9.80 12.32
N GLY A 348 -1.29 -10.10 12.47
CA GLY A 348 -0.84 -11.47 12.67
C GLY A 348 -1.40 -12.11 13.93
N TYR A 349 -1.33 -11.38 15.04
CA TYR A 349 -1.83 -11.89 16.31
C TYR A 349 -3.35 -12.02 16.34
N TYR A 350 -4.03 -11.08 15.69
CA TYR A 350 -5.49 -11.16 15.56
C TYR A 350 -5.92 -12.43 14.81
N ALA A 351 -5.24 -12.73 13.71
CA ALA A 351 -5.57 -13.89 12.86
C ALA A 351 -5.04 -15.21 13.41
N LYS A 352 -4.06 -15.13 14.32
CA LYS A 352 -3.31 -16.28 14.85
C LYS A 352 -2.54 -17.01 13.74
N ILE A 353 -1.70 -16.25 13.06
CA ILE A 353 -0.87 -16.76 11.98
C ILE A 353 0.59 -16.42 12.28
N GLN A 354 1.50 -17.05 11.53
CA GLN A 354 2.88 -16.57 11.46
C GLN A 354 2.84 -15.12 11.01
N ILE A 355 3.59 -14.26 11.69
CA ILE A 355 3.53 -12.82 11.38
C ILE A 355 3.79 -12.54 9.89
N GLN A 356 4.74 -13.25 9.28
CA GLN A 356 5.05 -13.07 7.85
C GLN A 356 3.88 -13.39 6.91
N SER A 357 2.88 -14.10 7.43
CA SER A 357 1.68 -14.39 6.64
C SER A 357 0.76 -13.18 6.40
N VAL A 358 1.02 -12.05 7.06
CA VAL A 358 0.19 -10.85 6.83
C VAL A 358 0.28 -10.38 5.38
N PHE A 359 1.31 -10.83 4.66
CA PHE A 359 1.42 -10.53 3.23
C PHE A 359 0.34 -11.24 2.39
N SER A 360 -0.31 -12.24 2.97
CA SER A 360 -1.30 -13.04 2.26
C SER A 360 -2.69 -12.90 2.90
N PRO A 361 -3.59 -12.11 2.28
CA PRO A 361 -4.96 -12.01 2.80
C PRO A 361 -5.71 -13.35 2.79
N ILE A 362 -5.42 -14.22 1.82
CA ILE A 362 -6.02 -15.57 1.78
C ILE A 362 -5.66 -16.38 3.03
N LYS A 363 -4.38 -16.43 3.37
CA LYS A 363 -3.92 -17.12 4.57
C LYS A 363 -4.49 -16.48 5.85
N THR A 364 -4.52 -15.15 5.86
CA THR A 364 -5.03 -14.39 6.99
C THR A 364 -6.51 -14.70 7.23
N TRP A 365 -7.29 -14.66 6.15
CA TRP A 365 -8.72 -14.95 6.27
C TRP A 365 -8.99 -16.39 6.53
N ASP A 366 -8.16 -17.29 5.98
CA ASP A 366 -8.32 -18.72 6.24
C ASP A 366 -8.19 -19.01 7.74
N ALA A 367 -7.24 -18.36 8.40
CA ALA A 367 -7.00 -18.52 9.83
C ALA A 367 -8.08 -17.87 10.71
N ILE A 368 -8.52 -16.67 10.34
CA ILE A 368 -9.60 -15.98 11.07
C ILE A 368 -10.87 -16.83 11.05
N ILE A 369 -11.26 -17.28 9.86
CA ILE A 369 -12.46 -18.07 9.69
C ILE A 369 -12.35 -19.44 10.39
N PHE A 370 -11.19 -20.08 10.28
CA PHE A 370 -10.96 -21.36 10.97
C PHE A 370 -11.14 -21.21 12.49
N ASN A 371 -10.47 -20.22 13.07
CA ASN A 371 -10.58 -19.96 14.51
C ASN A 371 -12.00 -19.64 14.94
N SER A 372 -12.72 -18.88 14.12
CA SER A 372 -14.11 -18.53 14.38
C SER A 372 -15.01 -19.78 14.41
N LEU A 373 -14.89 -20.61 13.37
CA LEU A 373 -15.69 -21.83 13.23
C LEU A 373 -15.36 -22.88 14.30
N LYS A 374 -14.07 -23.02 14.60
CA LYS A 374 -13.61 -23.96 15.63
C LYS A 374 -14.27 -23.69 16.98
N GLU A 375 -14.45 -22.41 17.30
CA GLU A 375 -15.12 -21.99 18.55
C GLU A 375 -16.52 -22.59 18.72
N GLN A 376 -17.17 -22.90 17.60
CA GLN A 376 -18.51 -23.49 17.61
C GLN A 376 -18.46 -25.00 17.31
N ASN A 377 -17.27 -25.60 17.41
CA ASN A 377 -17.05 -27.01 17.06
C ASN A 377 -17.39 -27.34 15.60
N LYS A 378 -17.37 -26.32 14.76
CA LYS A 378 -17.60 -26.52 13.33
C LYS A 378 -16.29 -26.85 12.63
N VAL A 379 -16.41 -27.53 11.48
CA VAL A 379 -15.27 -28.11 10.79
C VAL A 379 -15.16 -27.54 9.38
N ILE A 380 -14.00 -26.97 9.06
CA ILE A 380 -13.80 -26.28 7.80
C ILE A 380 -13.69 -27.29 6.65
N PRO A 381 -14.15 -26.93 5.42
CA PRO A 381 -14.11 -27.86 4.28
C PRO A 381 -12.69 -28.01 3.74
N GLN A 382 -12.44 -29.10 3.00
CA GLN A 382 -11.13 -29.24 2.35
C GLN A 382 -10.98 -28.21 1.24
N GLY A 383 -9.77 -27.68 1.11
CA GLY A 383 -9.42 -26.85 -0.05
C GLY A 383 -9.50 -27.69 -1.31
N ARG A 384 -9.96 -27.09 -2.40
CA ARG A 384 -10.13 -27.79 -3.67
C ARG A 384 -9.47 -27.05 -4.84
N SER A 385 -9.27 -27.79 -5.93
CA SER A 385 -8.69 -27.25 -7.15
C SER A 385 -9.78 -26.61 -8.01
N HIS A 386 -9.56 -25.38 -8.46
CA HIS A 386 -10.47 -24.72 -9.42
C HIS A 386 -9.73 -24.08 -10.54
N PRO A 387 -10.26 -24.20 -11.78
CA PRO A 387 -9.68 -23.49 -12.92
C PRO A 387 -9.98 -21.99 -12.81
N VAL A 388 -9.01 -21.15 -13.16
CA VAL A 388 -9.19 -19.70 -13.15
C VAL A 388 -10.23 -19.30 -14.20
N GLN A 389 -11.28 -18.60 -13.76
CA GLN A 389 -12.34 -18.13 -14.65
C GLN A 389 -12.57 -16.63 -14.44
N PRO A 390 -12.74 -15.87 -15.54
CA PRO A 390 -13.11 -14.44 -15.42
C PRO A 390 -14.50 -14.28 -14.81
N TYR A 391 -14.74 -13.16 -14.14
CA TYR A 391 -16.08 -12.84 -13.64
C TYR A 391 -16.29 -11.32 -13.58
N PRO A 392 -17.56 -10.84 -13.63
CA PRO A 392 -17.82 -9.40 -13.73
C PRO A 392 -17.57 -8.61 -12.45
N GLY A 393 -17.26 -7.34 -12.62
CA GLY A 393 -16.90 -6.46 -11.51
C GLY A 393 -17.86 -5.29 -11.43
N ALA A 394 -17.30 -4.10 -11.24
CA ALA A 394 -18.08 -2.90 -10.99
C ALA A 394 -18.65 -2.27 -12.27
N PHE A 395 -19.70 -1.48 -12.10
CA PHE A 395 -20.19 -0.58 -13.13
C PHE A 395 -19.49 0.77 -13.00
N VAL A 396 -19.11 1.32 -14.15
CA VAL A 396 -18.53 2.65 -14.22
C VAL A 396 -19.33 3.42 -15.27
N LYS A 397 -19.86 4.60 -14.88
CA LYS A 397 -20.67 5.42 -15.78
C LYS A 397 -19.78 6.21 -16.74
N GLU A 398 -20.18 6.26 -18.01
CA GLU A 398 -19.48 7.07 -19.00
C GLU A 398 -19.85 8.55 -18.83
N PRO A 399 -18.89 9.38 -18.38
CA PRO A 399 -19.24 10.78 -18.20
C PRO A 399 -19.17 11.57 -19.52
N ILE A 400 -19.99 12.61 -19.63
CA ILE A 400 -19.88 13.55 -20.74
C ILE A 400 -18.64 14.40 -20.45
N PRO A 401 -17.62 14.35 -21.34
CA PRO A 401 -16.43 15.15 -21.07
C PRO A 401 -16.80 16.63 -21.06
N ASN A 402 -16.41 17.34 -20.00
CA ASN A 402 -16.84 18.72 -19.82
C ASN A 402 -16.23 19.32 -18.58
N ARG A 403 -16.31 20.64 -18.44
CA ARG A 403 -16.17 21.29 -17.15
C ARG A 403 -17.44 21.01 -16.35
N TYR A 404 -17.28 20.94 -15.03
CA TYR A 404 -18.41 20.82 -14.10
C TYR A 404 -18.12 21.76 -12.93
N LYS A 405 -18.94 22.79 -12.79
CA LYS A 405 -18.65 23.93 -11.90
C LYS A 405 -18.80 23.59 -10.40
N TYR A 406 -20.00 23.20 -9.98
CA TYR A 406 -20.27 22.80 -8.61
C TYR A 406 -20.58 21.31 -8.54
N VAL A 407 -19.85 20.59 -7.70
CA VAL A 407 -20.02 19.14 -7.57
C VAL A 407 -20.06 18.70 -6.11
N MET A 408 -21.00 17.81 -5.80
CA MET A 408 -21.05 17.11 -4.52
C MET A 408 -20.95 15.61 -4.80
N SER A 409 -20.03 14.94 -4.13
CA SER A 409 -19.89 13.50 -4.30
C SER A 409 -20.34 12.73 -3.08
N PHE A 410 -20.78 11.49 -3.33
CA PHE A 410 -21.25 10.58 -2.31
C PHE A 410 -20.73 9.19 -2.63
N ASP A 411 -20.43 8.39 -1.61
CA ASP A 411 -20.10 6.98 -1.84
C ASP A 411 -20.34 6.08 -0.62
N LEU A 412 -20.51 4.79 -0.87
CA LEU A 412 -20.82 3.83 0.17
C LEU A 412 -19.65 3.65 1.13
N THR A 413 -19.94 3.69 2.42
CA THR A 413 -18.96 3.29 3.42
C THR A 413 -18.66 1.80 3.24
N SER A 414 -17.38 1.47 3.11
CA SER A 414 -16.91 0.09 3.01
C SER A 414 -17.86 -0.76 2.14
N ALA A 415 -17.96 -0.40 0.86
CA ALA A 415 -18.98 -0.90 -0.07
C ALA A 415 -19.11 -2.42 -0.12
N TYR A 416 -18.06 -3.11 -0.56
CA TYR A 416 -18.15 -4.56 -0.76
C TYR A 416 -18.36 -5.33 0.54
N PRO A 417 -17.63 -4.95 1.63
CA PRO A 417 -17.90 -5.58 2.91
C PRO A 417 -19.30 -5.30 3.43
N SER A 418 -19.82 -4.09 3.17
CA SER A 418 -21.19 -3.77 3.57
C SER A 418 -22.23 -4.57 2.78
N ILE A 419 -21.91 -4.87 1.51
CA ILE A 419 -22.78 -5.71 0.68
C ILE A 419 -22.81 -7.14 1.22
N ILE A 420 -21.64 -7.65 1.61
CA ILE A 420 -21.52 -8.97 2.20
C ILE A 420 -22.41 -9.10 3.44
N ARG A 421 -22.35 -8.08 4.29
CA ARG A 421 -23.09 -8.06 5.54
C ARG A 421 -24.59 -7.90 5.29
N GLN A 422 -24.96 -6.99 4.39
CA GLN A 422 -26.37 -6.73 4.08
C GLN A 422 -27.07 -7.95 3.47
N VAL A 423 -26.44 -8.57 2.49
CA VAL A 423 -27.04 -9.69 1.75
C VAL A 423 -26.87 -11.00 2.55
N ASN A 424 -25.91 -11.02 3.47
CA ASN A 424 -25.50 -12.21 4.23
C ASN A 424 -24.78 -13.24 3.36
N ILE A 425 -23.80 -12.77 2.59
CA ILE A 425 -23.06 -13.62 1.66
C ILE A 425 -21.95 -14.41 2.37
N SER A 426 -22.02 -15.74 2.28
CA SER A 426 -21.12 -16.64 3.00
C SER A 426 -21.19 -18.04 2.38
N PRO A 427 -20.11 -18.83 2.47
CA PRO A 427 -20.19 -20.18 1.93
C PRO A 427 -21.38 -20.99 2.47
N GLU A 428 -21.68 -20.87 3.76
CA GLU A 428 -22.67 -21.73 4.40
C GLU A 428 -24.09 -21.15 4.47
N THR A 429 -24.29 -19.95 3.91
CA THR A 429 -25.60 -19.31 3.96
C THR A 429 -26.32 -19.32 2.62
N ILE A 430 -25.71 -19.96 1.62
CA ILE A 430 -26.37 -20.11 0.32
C ILE A 430 -27.64 -20.91 0.52
N ALA A 431 -28.76 -20.36 0.07
CA ALA A 431 -30.07 -20.97 0.24
C ALA A 431 -30.63 -21.54 -1.07
N GLY A 432 -30.09 -21.06 -2.19
CA GLY A 432 -30.58 -21.49 -3.50
C GLY A 432 -30.44 -20.38 -4.52
N THR A 433 -31.18 -20.50 -5.62
CA THR A 433 -31.15 -19.51 -6.69
C THR A 433 -32.57 -19.06 -7.07
N PHE A 434 -32.67 -17.92 -7.75
CA PHE A 434 -33.93 -17.48 -8.34
C PHE A 434 -33.68 -17.13 -9.80
N LYS A 435 -34.76 -17.07 -10.58
CA LYS A 435 -34.68 -16.76 -12.00
C LYS A 435 -34.41 -15.27 -12.21
N VAL A 436 -33.24 -14.96 -12.78
CA VAL A 436 -32.79 -13.58 -12.91
C VAL A 436 -33.41 -12.87 -14.13
N ALA A 437 -33.75 -11.60 -13.94
CA ALA A 437 -34.16 -10.72 -15.01
C ALA A 437 -32.96 -9.86 -15.40
N PRO A 438 -32.97 -9.26 -16.62
CA PRO A 438 -31.91 -8.31 -16.95
C PRO A 438 -31.68 -7.32 -15.81
N LEU A 439 -30.42 -6.97 -15.59
CA LEU A 439 -30.04 -6.08 -14.47
C LEU A 439 -30.85 -4.79 -14.43
N HIS A 440 -31.11 -4.22 -15.60
CA HIS A 440 -31.86 -2.96 -15.70
C HIS A 440 -33.27 -3.04 -15.17
N ASP A 441 -33.85 -4.24 -15.20
CA ASP A 441 -35.17 -4.46 -14.63
C ASP A 441 -35.19 -4.36 -13.11
N TYR A 442 -34.09 -4.70 -12.46
CA TYR A 442 -33.96 -4.50 -11.02
C TYR A 442 -33.65 -3.04 -10.73
N ILE A 443 -32.72 -2.47 -11.50
CA ILE A 443 -32.35 -1.05 -11.38
C ILE A 443 -33.60 -0.18 -11.42
N ASN A 444 -34.54 -0.53 -12.30
CA ASN A 444 -35.75 0.25 -12.49
C ASN A 444 -36.96 -0.25 -11.71
N ALA A 445 -36.76 -1.28 -10.87
CA ALA A 445 -37.80 -1.80 -9.98
C ALA A 445 -39.03 -2.33 -10.73
N VAL A 446 -38.83 -2.86 -11.93
CA VAL A 446 -39.91 -3.49 -12.69
C VAL A 446 -39.85 -5.01 -12.62
N ALA A 447 -38.68 -5.56 -12.33
CA ALA A 447 -38.55 -7.00 -12.19
C ALA A 447 -39.34 -7.50 -10.98
N GLU A 448 -39.84 -8.73 -11.08
CA GLU A 448 -40.49 -9.43 -9.97
C GLU A 448 -39.55 -9.51 -8.77
N ARG A 449 -40.11 -9.37 -7.57
CA ARG A 449 -39.35 -9.53 -6.33
C ARG A 449 -38.72 -10.92 -6.29
N PRO A 450 -37.38 -11.00 -6.12
CA PRO A 450 -36.66 -12.27 -6.18
C PRO A 450 -37.19 -13.33 -5.20
N SER A 451 -37.37 -12.97 -3.93
CA SER A 451 -37.76 -13.93 -2.90
C SER A 451 -38.56 -13.25 -1.79
N ASP A 452 -39.52 -13.99 -1.25
CA ASP A 452 -40.25 -13.55 -0.05
C ASP A 452 -39.74 -14.27 1.20
N VAL A 453 -38.64 -15.00 1.05
CA VAL A 453 -38.10 -15.80 2.15
C VAL A 453 -36.63 -15.51 2.42
N TYR A 454 -35.87 -15.37 1.35
CA TYR A 454 -34.41 -15.27 1.44
C TYR A 454 -33.86 -13.91 1.01
N SER A 455 -32.61 -13.65 1.37
CA SER A 455 -31.94 -12.40 1.07
C SER A 455 -31.19 -12.55 -0.25
N CYS A 456 -31.42 -11.63 -1.18
CA CYS A 456 -31.02 -11.82 -2.57
C CYS A 456 -30.04 -10.82 -3.15
N SER A 457 -29.27 -11.29 -4.11
CA SER A 457 -28.46 -10.43 -4.97
C SER A 457 -28.95 -10.61 -6.40
N PRO A 458 -28.93 -9.53 -7.22
CA PRO A 458 -29.42 -9.60 -8.61
C PRO A 458 -28.63 -10.52 -9.56
N ASN A 459 -27.59 -11.20 -9.08
CA ASN A 459 -26.95 -12.24 -9.89
C ASN A 459 -27.70 -13.58 -9.84
N GLY A 460 -28.75 -13.66 -9.03
CA GLY A 460 -29.56 -14.88 -8.92
C GLY A 460 -29.40 -15.68 -7.64
N MET A 461 -28.56 -15.21 -6.72
CA MET A 461 -28.27 -15.96 -5.51
C MET A 461 -29.18 -15.57 -4.35
N MET A 462 -29.59 -16.56 -3.57
CA MET A 462 -30.39 -16.36 -2.36
C MET A 462 -29.63 -16.85 -1.13
N TYR A 463 -29.79 -16.16 0.00
CA TYR A 463 -29.07 -16.48 1.23
C TYR A 463 -30.00 -16.55 2.43
N TYR A 464 -29.64 -17.36 3.44
CA TYR A 464 -30.43 -17.45 4.68
C TYR A 464 -30.49 -16.11 5.42
N LYS A 465 -31.61 -15.90 6.10
CA LYS A 465 -31.81 -14.71 6.91
C LYS A 465 -31.89 -15.01 8.41
N ASP A 466 -31.90 -16.29 8.78
CA ASP A 466 -32.07 -16.66 10.20
C ASP A 466 -30.83 -16.44 11.06
N ARG A 467 -29.65 -16.47 10.44
CA ARG A 467 -28.38 -16.33 11.15
C ARG A 467 -27.30 -15.75 10.25
N ASP A 468 -26.40 -14.98 10.84
CA ASP A 468 -25.25 -14.44 10.11
C ASP A 468 -24.28 -15.54 9.71
N GLY A 469 -23.80 -15.48 8.48
CA GLY A 469 -22.71 -16.34 8.05
C GLY A 469 -21.40 -15.97 8.73
N VAL A 470 -20.45 -16.90 8.71
CA VAL A 470 -19.13 -16.65 9.29
C VAL A 470 -18.39 -15.51 8.59
N VAL A 471 -18.58 -15.37 7.28
CA VAL A 471 -17.94 -14.27 6.53
C VAL A 471 -18.48 -12.89 6.94
N PRO A 472 -19.82 -12.70 6.93
CA PRO A 472 -20.35 -11.46 7.52
C PRO A 472 -19.92 -11.22 8.98
N THR A 473 -19.96 -12.26 9.80
CA THR A 473 -19.56 -12.12 11.21
C THR A 473 -18.11 -11.63 11.37
N GLU A 474 -17.19 -12.27 10.65
CA GLU A 474 -15.78 -11.94 10.81
C GLU A 474 -15.38 -10.65 10.10
N ILE A 475 -16.03 -10.37 8.97
CA ILE A 475 -15.78 -9.12 8.25
C ILE A 475 -16.24 -7.90 9.06
N THR A 476 -17.33 -8.05 9.82
CA THR A 476 -17.88 -6.97 10.65
C THR A 476 -16.88 -6.56 11.74
N LYS A 477 -16.24 -7.55 12.33
CA LYS A 477 -15.24 -7.34 13.40
C LYS A 477 -14.07 -6.48 12.93
N VAL A 478 -13.50 -6.82 11.77
CA VAL A 478 -12.40 -6.02 11.22
C VAL A 478 -12.90 -4.66 10.74
N PHE A 479 -14.09 -4.64 10.12
CA PHE A 479 -14.69 -3.36 9.72
C PHE A 479 -14.81 -2.39 10.89
N ASN A 480 -15.26 -2.89 12.05
CA ASN A 480 -15.38 -2.06 13.24
C ASN A 480 -14.05 -1.50 13.73
N GLN A 481 -13.01 -2.33 13.67
CA GLN A 481 -11.66 -1.85 13.97
C GLN A 481 -11.27 -0.74 13.01
N ARG A 482 -11.49 -0.97 11.71
CA ARG A 482 -11.20 0.01 10.66
C ARG A 482 -11.84 1.36 10.95
N LYS A 483 -13.13 1.31 11.33
CA LYS A 483 -13.92 2.52 11.58
C LYS A 483 -13.36 3.31 12.78
N GLU A 484 -12.94 2.60 13.82
CA GLU A 484 -12.30 3.25 14.97
C GLU A 484 -11.07 4.02 14.54
N HIS A 485 -10.20 3.39 13.75
CA HIS A 485 -8.97 4.04 13.31
C HIS A 485 -9.16 5.15 12.33
N LYS A 486 -10.18 5.03 11.48
CA LYS A 486 -10.49 6.10 10.54
C LYS A 486 -10.98 7.34 11.28
N GLY A 487 -11.77 7.13 12.33
CA GLY A 487 -12.18 8.20 13.24
C GLY A 487 -11.00 9.00 13.78
N TYR A 488 -9.98 8.29 14.29
CA TYR A 488 -8.77 8.95 14.78
C TYR A 488 -8.05 9.70 13.68
N MET A 489 -7.98 9.09 12.49
CA MET A 489 -7.33 9.69 11.34
C MET A 489 -7.99 11.02 10.95
N LEU A 490 -9.32 11.01 10.81
CA LEU A 490 -10.07 12.20 10.42
C LEU A 490 -9.99 13.32 11.49
N ALA A 491 -10.04 12.93 12.76
CA ALA A 491 -9.85 13.88 13.85
C ALA A 491 -8.50 14.58 13.78
N ALA A 492 -7.42 13.80 13.60
CA ALA A 492 -6.08 14.38 13.43
C ALA A 492 -6.02 15.32 12.22
N GLN A 493 -6.72 14.94 11.17
CA GLN A 493 -6.79 15.75 9.96
C GLN A 493 -7.51 17.08 10.20
N ARG A 494 -8.65 17.04 10.88
CA ARG A 494 -9.39 18.26 11.22
C ARG A 494 -8.55 19.14 12.17
N ASN A 495 -7.87 18.50 13.12
CA ASN A 495 -6.98 19.19 14.05
C ASN A 495 -5.83 19.90 13.34
N GLY A 496 -5.28 19.23 12.32
CA GLY A 496 -4.25 19.81 11.46
C GLY A 496 -4.72 21.11 10.80
N GLU A 497 -5.96 21.12 10.32
CA GLU A 497 -6.54 22.33 9.69
C GLU A 497 -6.75 23.49 10.67
N ILE A 498 -7.06 23.19 11.93
CA ILE A 498 -7.16 24.21 12.97
C ILE A 498 -5.78 24.89 13.16
N ILE A 499 -4.73 24.08 13.19
CA ILE A 499 -3.36 24.58 13.33
C ILE A 499 -2.93 25.44 12.14
N LYS A 500 -3.23 24.97 10.93
CA LYS A 500 -2.97 25.73 9.71
C LYS A 500 -3.64 27.10 9.72
N GLU A 501 -4.90 27.15 10.15
CA GLU A 501 -5.63 28.42 10.29
C GLU A 501 -4.91 29.36 11.25
N ALA A 502 -4.52 28.83 12.41
CA ALA A 502 -3.85 29.61 13.45
C ALA A 502 -2.51 30.17 12.99
N LEU A 503 -1.84 29.42 12.12
CA LEU A 503 -0.56 29.83 11.55
C LEU A 503 -0.63 31.10 10.69
N HIS A 504 -1.83 31.55 10.34
CA HIS A 504 -1.99 32.83 9.64
C HIS A 504 -1.64 33.97 10.55
N ASN A 505 -1.81 33.74 11.85
CA ASN A 505 -1.53 34.78 12.86
C ASN A 505 -0.70 34.28 14.05
N PRO A 506 0.59 33.94 13.80
CA PRO A 506 1.43 33.45 14.88
C PRO A 506 1.86 34.56 15.85
N ASN A 507 1.87 34.26 17.13
CA ASN A 507 2.23 35.24 18.15
C ASN A 507 3.75 35.36 18.30
N LEU A 508 4.21 36.57 18.59
CA LEU A 508 5.63 36.82 18.81
C LEU A 508 6.00 36.55 20.27
N SER A 509 6.20 35.27 20.58
CA SER A 509 6.54 34.84 21.93
C SER A 509 7.36 33.55 21.90
N VAL A 510 7.94 33.20 23.05
CA VAL A 510 8.62 31.93 23.20
C VAL A 510 7.76 31.04 24.10
N ASP A 511 7.35 29.90 23.55
CA ASP A 511 6.46 28.97 24.23
C ASP A 511 6.70 27.53 23.76
N GLU A 512 5.82 26.62 24.15
CA GLU A 512 5.97 25.19 23.85
C GLU A 512 4.75 24.64 23.13
N PRO A 513 4.92 23.58 22.32
CA PRO A 513 3.77 22.86 21.77
C PRO A 513 2.91 22.33 22.91
N LEU A 514 1.58 22.35 22.72
CA LEU A 514 0.64 21.82 23.70
C LEU A 514 0.68 20.29 23.73
N ASP A 515 0.65 19.71 24.93
CA ASP A 515 0.60 18.27 25.09
C ASP A 515 -0.83 17.77 24.92
N VAL A 516 -1.16 17.32 23.71
CA VAL A 516 -2.54 16.95 23.37
C VAL A 516 -2.59 15.59 22.68
N ASP A 517 -3.77 14.96 22.70
CA ASP A 517 -4.03 13.75 21.91
C ASP A 517 -4.70 14.12 20.58
N TYR A 518 -3.93 14.09 19.49
CA TYR A 518 -4.42 14.53 18.17
C TYR A 518 -5.48 13.62 17.54
N ARG A 519 -5.69 12.45 18.12
CA ARG A 519 -6.71 11.51 17.65
C ARG A 519 -8.13 11.98 17.99
N PHE A 520 -8.24 13.03 18.80
CA PHE A 520 -9.54 13.56 19.26
C PHE A 520 -9.63 15.04 18.92
N ASP A 521 -10.81 15.46 18.48
CA ASP A 521 -11.05 16.84 18.09
C ASP A 521 -10.70 17.80 19.23
N PHE A 522 -9.89 18.82 18.91
CA PHE A 522 -9.48 19.81 19.90
C PHE A 522 -10.68 20.43 20.60
N SER A 523 -10.64 20.48 21.93
CA SER A 523 -11.61 21.21 22.74
C SER A 523 -11.48 22.73 22.51
N ASP A 524 -12.48 23.49 22.93
CA ASP A 524 -12.42 24.96 22.90
C ASP A 524 -11.23 25.50 23.69
N GLU A 525 -10.96 24.86 24.83
CA GLU A 525 -9.81 25.17 25.67
CA GLU A 525 -9.81 25.12 25.69
C GLU A 525 -8.52 25.09 24.87
N ILE A 526 -8.35 24.01 24.12
CA ILE A 526 -7.15 23.82 23.30
C ILE A 526 -7.10 24.82 22.13
N LYS A 527 -8.25 25.05 21.49
CA LYS A 527 -8.31 26.01 20.39
C LYS A 527 -7.90 27.42 20.81
N GLU A 528 -8.29 27.82 22.03
CA GLU A 528 -7.95 29.15 22.54
C GLU A 528 -6.45 29.32 22.75
N LYS A 529 -5.81 28.31 23.35
CA LYS A 529 -4.36 28.33 23.57
C LYS A 529 -3.57 28.32 22.26
N ILE A 530 -4.07 27.56 21.28
CA ILE A 530 -3.47 27.50 19.95
C ILE A 530 -3.38 28.89 19.30
N LYS A 531 -4.42 29.69 19.48
CA LYS A 531 -4.48 31.05 18.94
C LYS A 531 -3.47 32.01 19.58
N LYS A 532 -2.81 31.56 20.64
CA LYS A 532 -1.82 32.37 21.34
C LYS A 532 -0.39 31.86 21.12
N LEU A 533 -0.26 30.74 20.41
CA LEU A 533 1.06 30.12 20.24
C LEU A 533 1.94 30.78 19.17
N SER A 534 3.26 30.66 19.35
CA SER A 534 4.24 31.06 18.34
C SER A 534 4.19 30.14 17.12
N ALA A 535 4.75 30.61 16.01
CA ALA A 535 4.87 29.82 14.78
C ALA A 535 5.68 28.55 14.99
N LYS A 536 6.74 28.64 15.79
CA LYS A 536 7.59 27.49 16.12
C LYS A 536 6.80 26.37 16.79
N SER A 537 6.03 26.72 17.82
CA SER A 537 5.19 25.75 18.51
C SER A 537 4.07 25.21 17.63
N LEU A 538 3.46 26.09 16.82
CA LEU A 538 2.38 25.68 15.91
C LEU A 538 2.86 24.70 14.84
N ASN A 539 4.02 24.97 14.25
CA ASN A 539 4.64 24.08 13.28
C ASN A 539 4.99 22.72 13.83
N GLU A 540 5.44 22.69 15.08
CA GLU A 540 5.72 21.43 15.76
C GLU A 540 4.43 20.66 15.99
N MET A 541 3.40 21.36 16.47
CA MET A 541 2.07 20.77 16.64
C MET A 541 1.51 20.23 15.32
N LEU A 542 1.74 20.96 14.23
CA LEU A 542 1.26 20.54 12.92
C LEU A 542 1.96 19.25 12.53
N PHE A 543 3.29 19.22 12.69
CA PHE A 543 4.07 18.01 12.42
C PHE A 543 3.51 16.82 13.19
N ARG A 544 3.25 17.01 14.48
CA ARG A 544 2.70 15.94 15.33
C ARG A 544 1.29 15.51 14.91
N ALA A 545 0.46 16.49 14.57
CA ALA A 545 -0.89 16.22 14.06
C ALA A 545 -0.84 15.37 12.78
N GLN A 546 0.06 15.74 11.88
CA GLN A 546 0.24 15.00 10.63
C GLN A 546 0.82 13.59 10.84
N ARG A 547 1.74 13.45 11.78
CA ARG A 547 2.22 12.11 12.18
C ARG A 547 1.09 11.25 12.73
N THR A 548 0.25 11.84 13.58
CA THR A 548 -0.94 11.16 14.11
C THR A 548 -1.87 10.73 12.97
N GLU A 549 -2.14 11.64 12.04
CA GLU A 549 -2.94 11.32 10.86
C GLU A 549 -2.37 10.15 10.04
N VAL A 550 -1.05 10.18 9.80
CA VAL A 550 -0.35 9.08 9.12
C VAL A 550 -0.55 7.74 9.85
N ALA A 551 -0.36 7.74 11.17
CA ALA A 551 -0.57 6.54 11.99
C ALA A 551 -1.99 6.00 11.85
N GLY A 552 -2.98 6.90 11.93
CA GLY A 552 -4.37 6.54 11.71
C GLY A 552 -4.66 6.00 10.31
N MET A 553 -4.06 6.65 9.31
CA MET A 553 -4.17 6.22 7.92
C MET A 553 -3.67 4.78 7.73
N THR A 554 -2.47 4.48 8.23
CA THR A 554 -1.91 3.12 8.17
C THR A 554 -2.87 2.10 8.76
N ALA A 555 -3.38 2.39 9.96
CA ALA A 555 -4.23 1.47 10.68
C ALA A 555 -5.56 1.25 9.95
N GLN A 556 -6.17 2.34 9.49
CA GLN A 556 -7.48 2.27 8.85
C GLN A 556 -7.44 1.69 7.43
N ILE A 557 -6.54 2.20 6.58
CA ILE A 557 -6.56 1.82 5.16
C ILE A 557 -6.19 0.36 4.93
N ASN A 558 -5.33 -0.17 5.78
CA ASN A 558 -4.90 -1.55 5.60
C ASN A 558 -5.89 -2.53 6.20
N ARG A 559 -6.68 -2.06 7.15
CA ARG A 559 -7.83 -2.83 7.64
C ARG A 559 -8.95 -2.84 6.60
N LYS A 560 -9.17 -1.68 5.96
CA LYS A 560 -10.00 -1.58 4.75
C LYS A 560 -9.50 -2.54 3.66
N ALA A 561 -8.17 -2.58 3.44
CA ALA A 561 -7.59 -3.46 2.44
C ALA A 561 -7.82 -4.94 2.76
N LEU A 562 -7.74 -5.28 4.05
CA LEU A 562 -8.01 -6.65 4.49
C LEU A 562 -9.45 -7.10 4.22
N ILE A 563 -10.42 -6.28 4.60
CA ILE A 563 -11.83 -6.65 4.40
C ILE A 563 -12.22 -6.68 2.92
N ASN A 564 -11.72 -5.73 2.15
CA ASN A 564 -11.88 -5.73 0.70
C ASN A 564 -11.21 -6.94 0.06
N GLY A 565 -10.10 -7.38 0.68
CA GLY A 565 -9.39 -8.59 0.27
C GLY A 565 -10.23 -9.86 0.46
N LEU A 566 -11.09 -9.89 1.47
CA LEU A 566 -12.00 -11.02 1.65
C LEU A 566 -13.01 -11.14 0.50
N ALA A 567 -13.58 -10.01 0.09
CA ALA A 567 -14.44 -9.96 -1.10
C ALA A 567 -13.70 -10.45 -2.34
N GLY A 568 -12.45 -10.02 -2.50
CA GLY A 568 -11.60 -10.47 -3.60
C GLY A 568 -11.20 -11.93 -3.51
N ALA A 569 -10.93 -12.41 -2.29
CA ALA A 569 -10.51 -13.79 -2.07
C ALA A 569 -11.56 -14.82 -2.50
N LEU A 570 -12.83 -14.44 -2.39
CA LEU A 570 -13.93 -15.27 -2.86
C LEU A 570 -13.83 -15.53 -4.36
N GLY A 571 -13.09 -14.68 -5.06
CA GLY A 571 -12.80 -14.87 -6.48
C GLY A 571 -11.36 -15.31 -6.78
N ASN A 572 -10.67 -15.86 -5.78
CA ASN A 572 -9.34 -16.45 -5.99
C ASN A 572 -9.34 -17.94 -5.75
N VAL A 573 -8.89 -18.70 -6.76
CA VAL A 573 -8.95 -20.17 -6.75
C VAL A 573 -8.17 -20.86 -5.62
N TRP A 574 -7.26 -20.14 -4.97
CA TRP A 574 -6.48 -20.68 -3.84
C TRP A 574 -7.16 -20.54 -2.51
N PHE A 575 -8.22 -19.73 -2.45
CA PHE A 575 -9.01 -19.53 -1.23
C PHE A 575 -9.85 -20.76 -0.94
N ARG A 576 -9.84 -21.18 0.32
CA ARG A 576 -10.63 -22.33 0.77
C ARG A 576 -12.11 -22.13 0.46
N TYR A 577 -12.56 -20.88 0.52
CA TYR A 577 -13.99 -20.56 0.30
C TYR A 577 -14.26 -19.89 -1.06
N TYR A 578 -13.38 -20.14 -2.02
CA TYR A 578 -13.59 -19.69 -3.41
C TYR A 578 -14.97 -20.10 -3.90
N ASP A 579 -15.71 -19.13 -4.43
CA ASP A 579 -17.01 -19.42 -5.00
C ASP A 579 -17.41 -18.24 -5.87
N LEU A 580 -17.43 -18.45 -7.18
CA LEU A 580 -17.79 -17.38 -8.09
C LEU A 580 -19.26 -16.95 -7.98
N ARG A 581 -20.10 -17.80 -7.39
CA ARG A 581 -21.48 -17.42 -7.08
C ARG A 581 -21.49 -16.29 -6.04
N ASN A 582 -20.67 -16.44 -4.99
CA ASN A 582 -20.55 -15.40 -3.96
C ASN A 582 -19.75 -14.18 -4.42
N ALA A 583 -18.64 -14.39 -5.12
CA ALA A 583 -17.86 -13.25 -5.63
C ALA A 583 -18.73 -12.39 -6.56
N THR A 584 -19.51 -13.03 -7.44
CA THR A 584 -20.34 -12.28 -8.38
C THR A 584 -21.60 -11.72 -7.73
N ALA A 585 -22.10 -12.38 -6.68
CA ALA A 585 -23.21 -11.84 -5.92
C ALA A 585 -22.88 -10.46 -5.36
N ILE A 586 -21.63 -10.29 -4.91
CA ILE A 586 -21.15 -9.00 -4.39
C ILE A 586 -21.10 -7.94 -5.48
N THR A 587 -20.41 -8.26 -6.58
CA THR A 587 -20.14 -7.27 -7.63
C THR A 587 -21.41 -6.87 -8.37
N THR A 588 -22.29 -7.84 -8.62
CA THR A 588 -23.54 -7.59 -9.32
C THR A 588 -24.49 -6.73 -8.47
N PHE A 589 -24.56 -7.01 -7.17
CA PHE A 589 -25.31 -6.18 -6.21
C PHE A 589 -24.78 -4.75 -6.22
N GLY A 590 -23.46 -4.62 -6.24
CA GLY A 590 -22.80 -3.31 -6.33
C GLY A 590 -23.23 -2.54 -7.58
N GLN A 591 -23.30 -3.24 -8.71
CA GLN A 591 -23.70 -2.62 -9.98
C GLN A 591 -25.11 -2.09 -9.87
N MET A 592 -25.98 -2.89 -9.26
CA MET A 592 -27.37 -2.51 -9.04
C MET A 592 -27.48 -1.32 -8.11
N ALA A 593 -26.79 -1.36 -6.97
CA ALA A 593 -26.87 -0.31 -5.96
C ALA A 593 -26.53 1.08 -6.52
N LEU A 594 -25.41 1.15 -7.26
CA LEU A 594 -24.98 2.39 -7.89
C LEU A 594 -26.06 2.95 -8.84
N GLN A 595 -26.50 2.12 -9.77
CA GLN A 595 -27.46 2.54 -10.80
C GLN A 595 -28.87 2.76 -10.23
N TRP A 596 -29.25 1.97 -9.22
CA TRP A 596 -30.47 2.21 -8.46
C TRP A 596 -30.45 3.59 -7.87
N ILE A 597 -29.36 3.92 -7.17
CA ILE A 597 -29.29 5.18 -6.45
C ILE A 597 -29.07 6.38 -7.36
N GLU A 598 -28.45 6.15 -8.51
CA GLU A 598 -28.38 7.19 -9.54
C GLU A 598 -29.80 7.59 -9.94
N ARG A 599 -30.64 6.60 -10.22
CA ARG A 599 -32.04 6.83 -10.56
C ARG A 599 -32.76 7.60 -9.46
N LYS A 600 -32.57 7.18 -8.21
CA LYS A 600 -33.23 7.82 -7.05
C LYS A 600 -32.81 9.28 -6.85
N VAL A 601 -31.52 9.56 -6.98
CA VAL A 601 -30.98 10.91 -6.78
C VAL A 601 -31.48 11.85 -7.87
N ASN A 602 -31.43 11.40 -9.12
CA ASN A 602 -32.01 12.14 -10.24
C ASN A 602 -33.48 12.48 -10.03
N GLU A 603 -34.27 11.49 -9.63
CA GLU A 603 -35.69 11.68 -9.38
C GLU A 603 -35.92 12.71 -8.27
N TYR A 604 -35.20 12.57 -7.17
CA TYR A 604 -35.31 13.48 -6.03
C TYR A 604 -34.97 14.92 -6.43
N LEU A 605 -33.90 15.09 -7.20
CA LEU A 605 -33.47 16.42 -7.58
C LEU A 605 -34.32 17.04 -8.69
N ASN A 606 -34.83 16.20 -9.59
CA ASN A 606 -35.78 16.66 -10.61
C ASN A 606 -37.07 17.18 -9.99
N GLU A 607 -37.46 16.59 -8.85
CA GLU A 607 -38.65 17.02 -8.14
C GLU A 607 -38.44 18.32 -7.38
N VAL A 608 -37.29 18.48 -6.72
CA VAL A 608 -37.02 19.72 -5.97
C VAL A 608 -36.76 20.92 -6.89
N CYS A 609 -36.30 20.64 -8.10
CA CYS A 609 -36.06 21.69 -9.09
C CYS A 609 -37.25 21.88 -10.03
N GLY A 610 -38.21 20.96 -9.95
CA GLY A 610 -39.41 20.98 -10.78
C GLY A 610 -39.12 20.73 -12.25
N THR A 611 -38.12 19.91 -12.52
CA THR A 611 -37.71 19.61 -13.89
C THR A 611 -38.10 18.18 -14.29
N GLU A 612 -37.67 17.76 -15.48
CA GLU A 612 -38.02 16.44 -16.01
C GLU A 612 -36.93 15.93 -16.96
N GLY A 613 -36.44 14.73 -16.69
CA GLY A 613 -35.42 14.08 -17.52
C GLY A 613 -34.02 14.65 -17.37
N GLU A 614 -33.84 15.58 -16.45
CA GLU A 614 -32.55 16.19 -16.15
C GLU A 614 -31.62 15.23 -15.39
N ALA A 615 -30.40 15.07 -15.89
CA ALA A 615 -29.40 14.23 -15.24
C ALA A 615 -28.54 15.05 -14.29
N PHE A 616 -28.76 14.88 -12.99
CA PHE A 616 -27.94 15.55 -11.98
C PHE A 616 -26.69 14.73 -11.66
N VAL A 617 -26.82 13.41 -11.71
CA VAL A 617 -25.67 12.52 -11.55
C VAL A 617 -24.90 12.51 -12.88
N LEU A 618 -23.68 13.02 -12.85
CA LEU A 618 -22.86 13.18 -14.04
C LEU A 618 -21.87 12.03 -14.20
N TYR A 619 -21.62 11.32 -13.10
CA TYR A 619 -20.62 10.27 -13.05
C TYR A 619 -20.76 9.38 -11.83
N GLY A 620 -20.19 8.20 -11.95
CA GLY A 620 -20.12 7.25 -10.85
C GLY A 620 -19.20 6.11 -11.22
N ASP A 621 -18.58 5.52 -10.21
CA ASP A 621 -17.63 4.43 -10.38
C ASP A 621 -17.71 3.51 -9.18
N THR A 622 -18.20 2.30 -9.41
CA THR A 622 -18.29 1.22 -8.40
C THR A 622 -19.36 1.46 -7.33
N ASP A 623 -19.16 2.49 -6.51
CA ASP A 623 -20.03 2.75 -5.36
C ASP A 623 -20.21 4.25 -5.12
N SER A 624 -19.84 5.07 -6.11
CA SER A 624 -19.84 6.52 -5.93
C SER A 624 -20.73 7.23 -6.93
N ILE A 625 -21.26 8.39 -6.53
CA ILE A 625 -21.97 9.27 -7.45
C ILE A 625 -21.44 10.70 -7.34
N TYR A 626 -21.38 11.39 -8.47
CA TYR A 626 -21.01 12.80 -8.54
C TYR A 626 -22.20 13.60 -9.04
N VAL A 627 -22.66 14.52 -8.20
CA VAL A 627 -23.88 15.25 -8.43
C VAL A 627 -23.57 16.70 -8.79
N SER A 628 -24.09 17.14 -9.92
CA SER A 628 -23.99 18.54 -10.32
C SER A 628 -24.84 19.38 -9.37
N ALA A 629 -24.22 20.35 -8.71
CA ALA A 629 -24.93 21.25 -7.77
C ALA A 629 -25.14 22.68 -8.32
N ASP A 630 -24.86 22.88 -9.61
CA ASP A 630 -25.03 24.21 -10.23
C ASP A 630 -26.42 24.78 -9.99
N LYS A 631 -27.44 23.95 -10.21
CA LYS A 631 -28.83 24.38 -10.09
C LYS A 631 -29.23 24.72 -8.65
N ILE A 632 -28.62 24.01 -7.70
CA ILE A 632 -28.84 24.24 -6.27
C ILE A 632 -28.30 25.62 -5.88
N ILE A 633 -27.06 25.89 -6.29
CA ILE A 633 -26.42 27.19 -6.06
C ILE A 633 -27.24 28.30 -6.72
N ASP A 634 -27.59 28.10 -7.99
CA ASP A 634 -28.34 29.10 -8.77
C ASP A 634 -29.76 29.38 -8.27
N LYS A 635 -30.34 28.42 -7.54
CA LYS A 635 -31.65 28.64 -6.91
C LYS A 635 -31.54 29.67 -5.78
N VAL A 636 -30.36 29.75 -5.18
CA VAL A 636 -30.07 30.78 -4.20
C VAL A 636 -29.59 32.04 -4.91
N GLY A 637 -28.66 31.85 -5.87
CA GLY A 637 -28.03 32.96 -6.57
C GLY A 637 -26.70 33.27 -5.93
N GLU A 638 -25.64 33.28 -6.73
CA GLU A 638 -24.27 33.46 -6.22
C GLU A 638 -24.07 34.75 -5.40
N SER A 639 -24.82 35.80 -5.75
CA SER A 639 -24.67 37.11 -5.11
C SER A 639 -25.18 37.15 -3.67
N LYS A 640 -25.90 36.11 -3.27
CA LYS A 640 -26.40 36.00 -1.89
C LYS A 640 -25.35 35.47 -0.91
N PHE A 641 -24.21 34.98 -1.43
CA PHE A 641 -23.18 34.40 -0.57
C PHE A 641 -22.09 35.40 -0.17
N ARG A 642 -21.74 35.40 1.11
CA ARG A 642 -20.71 36.31 1.64
C ARG A 642 -19.31 35.97 1.14
N ASP A 643 -19.01 34.68 1.02
CA ASP A 643 -17.70 34.18 0.60
C ASP A 643 -17.80 32.70 0.19
N THR A 644 -16.67 32.10 -0.18
CA THR A 644 -16.64 30.70 -0.60
C THR A 644 -17.18 29.79 0.51
N ASN A 645 -16.67 29.97 1.72
CA ASN A 645 -17.06 29.15 2.86
C ASN A 645 -18.58 29.17 3.10
N HIS A 646 -19.23 30.29 2.78
CA HIS A 646 -20.68 30.41 2.90
C HIS A 646 -21.43 29.43 2.02
N TRP A 647 -21.12 29.39 0.72
CA TRP A 647 -21.78 28.38 -0.15
C TRP A 647 -21.36 26.95 0.12
N VAL A 648 -20.13 26.77 0.62
CA VAL A 648 -19.68 25.42 1.03
C VAL A 648 -20.52 24.92 2.21
N ASP A 649 -20.79 25.81 3.17
CA ASP A 649 -21.70 25.52 4.29
C ASP A 649 -23.09 25.16 3.80
N PHE A 650 -23.59 25.94 2.84
CA PHE A 650 -24.93 25.72 2.29
C PHE A 650 -25.04 24.35 1.60
N LEU A 651 -24.04 24.01 0.79
CA LEU A 651 -24.01 22.69 0.12
C LEU A 651 -23.82 21.53 1.10
N ASP A 652 -23.00 21.76 2.12
CA ASP A 652 -22.76 20.76 3.16
C ASP A 652 -24.07 20.48 3.92
N LYS A 653 -24.77 21.56 4.28
CA LYS A 653 -26.06 21.44 4.92
C LYS A 653 -27.08 20.77 3.99
N PHE A 654 -27.08 21.16 2.71
CA PHE A 654 -28.00 20.56 1.75
C PHE A 654 -27.76 19.05 1.62
N ALA A 655 -26.49 18.67 1.50
CA ALA A 655 -26.11 17.27 1.39
C ALA A 655 -26.55 16.47 2.62
N ARG A 656 -26.34 17.04 3.81
CA ARG A 656 -26.61 16.34 5.05
C ARG A 656 -28.10 16.25 5.39
N GLU A 657 -28.84 17.31 5.10
CA GLU A 657 -30.24 17.38 5.55
C GLU A 657 -31.27 17.01 4.49
N ARG A 658 -30.88 17.06 3.21
CA ARG A 658 -31.80 16.77 2.12
C ARG A 658 -31.36 15.57 1.28
N MET A 659 -30.13 15.60 0.77
CA MET A 659 -29.61 14.54 -0.09
C MET A 659 -29.55 13.19 0.62
N GLU A 660 -28.90 13.17 1.78
CA GLU A 660 -28.62 11.94 2.49
C GLU A 660 -29.87 11.21 3.01
N PRO A 661 -30.86 11.95 3.57
CA PRO A 661 -32.11 11.26 3.91
C PRO A 661 -32.82 10.68 2.69
N ALA A 662 -32.74 11.38 1.56
CA ALA A 662 -33.32 10.89 0.31
C ALA A 662 -32.58 9.65 -0.18
N ILE A 663 -31.26 9.68 -0.06
CA ILE A 663 -30.42 8.54 -0.44
C ILE A 663 -30.75 7.33 0.46
N ASP A 664 -30.85 7.57 1.77
CA ASP A 664 -31.17 6.52 2.73
C ASP A 664 -32.51 5.86 2.41
N ARG A 665 -33.53 6.67 2.09
CA ARG A 665 -34.86 6.17 1.74
CA ARG A 665 -34.85 6.15 1.76
C ARG A 665 -34.80 5.27 0.51
N GLY A 666 -34.08 5.73 -0.51
CA GLY A 666 -33.89 4.96 -1.74
C GLY A 666 -33.27 3.60 -1.48
N PHE A 667 -32.26 3.57 -0.61
CA PHE A 667 -31.56 2.32 -0.30
C PHE A 667 -32.40 1.38 0.57
N ARG A 668 -33.17 1.94 1.51
CA ARG A 668 -34.07 1.13 2.35
C ARG A 668 -35.08 0.39 1.49
N GLU A 669 -35.58 1.06 0.45
CA GLU A 669 -36.50 0.44 -0.50
C GLU A 669 -35.82 -0.68 -1.28
N MET A 670 -34.58 -0.43 -1.70
CA MET A 670 -33.79 -1.43 -2.42
C MET A 670 -33.53 -2.67 -1.56
N CYS A 671 -33.21 -2.45 -0.28
CA CYS A 671 -33.03 -3.53 0.70
C CYS A 671 -34.27 -4.41 0.81
N GLU A 672 -35.44 -3.78 0.90
CA GLU A 672 -36.72 -4.50 0.98
C GLU A 672 -37.03 -5.27 -0.30
N TYR A 673 -36.71 -4.65 -1.44
CA TYR A 673 -36.88 -5.25 -2.75
C TYR A 673 -36.08 -6.55 -2.87
N MET A 674 -34.82 -6.50 -2.44
CA MET A 674 -33.94 -7.67 -2.42
C MET A 674 -34.13 -8.53 -1.16
N ASN A 675 -35.07 -8.14 -0.29
CA ASN A 675 -35.35 -8.86 0.96
C ASN A 675 -34.08 -9.13 1.78
N ASN A 676 -33.20 -8.14 1.85
CA ASN A 676 -31.90 -8.35 2.49
C ASN A 676 -32.02 -8.43 4.00
N LYS A 677 -30.98 -8.98 4.63
CA LYS A 677 -31.00 -9.22 6.06
C LYS A 677 -30.97 -7.93 6.86
N GLN A 678 -30.16 -6.97 6.42
CA GLN A 678 -29.96 -5.73 7.18
C GLN A 678 -29.54 -4.61 6.22
N HIS A 679 -30.16 -3.44 6.36
CA HIS A 679 -29.82 -2.29 5.54
C HIS A 679 -28.52 -1.69 5.98
N LEU A 680 -27.53 -1.75 5.11
CA LEU A 680 -26.18 -1.30 5.44
C LEU A 680 -25.56 -0.47 4.34
N MET A 681 -26.40 -0.01 3.40
CA MET A 681 -25.93 0.85 2.33
C MET A 681 -25.93 2.29 2.84
N PHE A 682 -24.76 2.75 3.28
CA PHE A 682 -24.64 4.08 3.88
C PHE A 682 -23.79 4.95 2.96
N MET A 683 -24.46 5.78 2.17
CA MET A 683 -23.79 6.59 1.16
C MET A 683 -23.66 8.03 1.64
N ASP A 684 -22.52 8.33 2.27
CA ASP A 684 -22.25 9.64 2.84
C ASP A 684 -21.57 10.58 1.86
N ARG A 685 -21.82 11.87 2.03
CA ARG A 685 -21.17 12.89 1.22
C ARG A 685 -19.65 12.81 1.37
N GLU A 686 -18.94 12.77 0.23
CA GLU A 686 -17.49 12.77 0.22
C GLU A 686 -16.98 14.21 0.06
N ALA A 687 -17.10 14.75 -1.16
CA ALA A 687 -16.49 16.03 -1.51
C ALA A 687 -17.52 17.10 -1.84
N ILE A 688 -17.19 18.34 -1.46
CA ILE A 688 -17.88 19.52 -1.97
C ILE A 688 -16.88 20.35 -2.75
N ALA A 689 -17.18 20.57 -4.02
CA ALA A 689 -16.23 21.13 -4.97
C ALA A 689 -16.83 22.29 -5.76
N GLY A 690 -15.99 23.27 -6.06
CA GLY A 690 -16.36 24.41 -6.89
C GLY A 690 -15.25 25.44 -6.95
N PRO A 691 -15.39 26.44 -7.83
CA PRO A 691 -14.38 27.50 -7.92
C PRO A 691 -14.48 28.46 -6.74
N PRO A 692 -13.38 29.19 -6.42
CA PRO A 692 -13.47 30.25 -5.41
C PRO A 692 -14.52 31.27 -5.81
N LEU A 693 -15.34 31.70 -4.84
CA LEU A 693 -16.42 32.65 -5.11
C LEU A 693 -15.88 33.89 -5.82
N GLY A 694 -16.50 34.23 -6.95
CA GLY A 694 -16.17 35.43 -7.71
C GLY A 694 -14.96 35.30 -8.62
N SER A 695 -14.40 34.09 -8.73
CA SER A 695 -13.26 33.84 -9.61
C SER A 695 -13.74 33.40 -10.99
N LYS A 696 -12.80 33.26 -11.93
CA LYS A 696 -13.11 32.64 -13.22
C LYS A 696 -12.70 31.16 -13.29
N GLY A 697 -12.43 30.55 -12.13
CA GLY A 697 -12.07 29.13 -12.08
C GLY A 697 -13.22 28.26 -12.56
N ILE A 698 -12.93 27.12 -13.15
CA ILE A 698 -13.99 26.26 -13.68
C ILE A 698 -14.50 25.21 -12.67
N GLY A 699 -13.83 25.09 -11.53
CA GLY A 699 -14.27 24.19 -10.46
C GLY A 699 -13.83 22.74 -10.62
N GLY A 700 -14.16 22.13 -11.76
CA GLY A 700 -13.78 20.76 -12.03
C GLY A 700 -13.95 20.37 -13.49
N PHE A 701 -13.40 19.21 -13.87
CA PHE A 701 -13.64 18.63 -15.19
C PHE A 701 -13.46 17.11 -15.22
N TRP A 702 -14.14 16.47 -16.17
CA TRP A 702 -13.96 15.06 -16.53
C TRP A 702 -13.50 14.96 -17.96
N THR A 703 -12.47 14.15 -18.23
CA THR A 703 -12.11 13.82 -19.62
C THR A 703 -12.72 12.48 -20.03
N GLY A 704 -13.05 11.64 -19.04
CA GLY A 704 -13.56 10.28 -19.30
C GLY A 704 -13.61 9.47 -18.02
N LYS A 705 -13.92 8.19 -18.15
CA LYS A 705 -13.95 7.28 -17.00
C LYS A 705 -12.61 7.28 -16.27
N LYS A 706 -12.67 7.35 -14.94
CA LYS A 706 -11.49 7.26 -14.07
C LYS A 706 -10.47 8.38 -14.32
N ARG A 707 -10.95 9.51 -14.86
CA ARG A 707 -10.10 10.66 -15.22
C ARG A 707 -10.80 11.99 -14.96
N TYR A 708 -10.49 12.62 -13.82
CA TYR A 708 -11.14 13.85 -13.44
C TYR A 708 -10.34 14.67 -12.43
N ALA A 709 -10.75 15.92 -12.26
CA ALA A 709 -10.14 16.83 -11.31
C ALA A 709 -11.21 17.72 -10.70
N LEU A 710 -11.14 17.90 -9.38
CA LEU A 710 -12.09 18.71 -8.64
C LEU A 710 -11.36 19.62 -7.65
N ASN A 711 -11.82 20.87 -7.55
CA ASN A 711 -11.33 21.80 -6.54
C ASN A 711 -12.17 21.69 -5.27
N VAL A 712 -11.62 21.02 -4.26
CA VAL A 712 -12.39 20.58 -3.10
C VAL A 712 -12.17 21.47 -1.90
N TRP A 713 -13.26 21.85 -1.24
CA TRP A 713 -13.24 22.70 -0.04
C TRP A 713 -13.47 21.94 1.23
N ASP A 714 -14.14 20.80 1.11
CA ASP A 714 -14.51 19.98 2.26
C ASP A 714 -14.53 18.53 1.82
N MET A 715 -13.82 17.70 2.56
CA MET A 715 -13.68 16.29 2.25
C MET A 715 -13.99 15.47 3.50
N GLU A 716 -15.10 14.72 3.43
CA GLU A 716 -15.57 13.87 4.53
C GLU A 716 -15.58 14.58 5.91
N GLY A 717 -15.96 15.86 5.91
CA GLY A 717 -16.09 16.63 7.15
C GLY A 717 -14.87 17.47 7.51
N THR A 718 -13.81 17.35 6.73
CA THR A 718 -12.62 18.17 6.91
C THR A 718 -12.75 19.43 6.06
N ARG A 719 -12.87 20.57 6.72
CA ARG A 719 -12.98 21.86 6.05
C ARG A 719 -11.58 22.43 5.93
N TYR A 720 -11.09 22.53 4.69
CA TYR A 720 -9.71 22.92 4.46
C TYR A 720 -9.48 24.40 4.70
N ALA A 721 -8.31 24.72 5.27
CA ALA A 721 -7.86 26.10 5.35
C ALA A 721 -7.63 26.63 3.93
N GLU A 722 -7.10 25.77 3.05
CA GLU A 722 -6.87 26.10 1.65
C GLU A 722 -7.47 25.01 0.76
N PRO A 723 -8.10 25.39 -0.37
CA PRO A 723 -8.72 24.38 -1.25
C PRO A 723 -7.72 23.31 -1.69
N LYS A 724 -8.18 22.08 -1.83
CA LYS A 724 -7.30 20.99 -2.20
C LYS A 724 -7.78 20.34 -3.50
N LEU A 725 -6.84 19.99 -4.37
CA LEU A 725 -7.22 19.35 -5.63
C LEU A 725 -7.41 17.85 -5.46
N LYS A 726 -8.58 17.35 -5.81
CA LYS A 726 -8.76 15.93 -5.92
C LYS A 726 -8.64 15.58 -7.39
N ILE A 727 -7.51 14.97 -7.75
CA ILE A 727 -7.23 14.60 -9.13
C ILE A 727 -7.13 13.09 -9.19
N MET A 728 -7.95 12.47 -10.04
CA MET A 728 -7.90 11.02 -10.18
C MET A 728 -7.57 10.61 -11.60
N GLY A 729 -6.61 9.69 -11.75
CA GLY A 729 -6.29 9.05 -13.03
C GLY A 729 -5.45 9.87 -14.00
N LEU A 730 -5.54 11.19 -13.94
CA LEU A 730 -4.77 12.07 -14.81
C LEU A 730 -3.27 11.88 -14.59
N GLU A 731 -2.47 12.38 -15.53
CA GLU A 731 -1.02 12.16 -15.56
C GLU A 731 -0.27 12.68 -14.32
N THR A 732 -0.88 13.64 -13.62
CA THR A 732 -0.32 14.12 -12.35
C THR A 732 -0.26 13.01 -11.30
N GLN A 733 -1.05 11.95 -11.50
CA GLN A 733 -1.19 10.88 -10.51
C GLN A 733 -0.43 9.61 -10.91
N LYS A 734 0.22 9.66 -12.07
CA LYS A 734 0.89 8.48 -12.62
C LYS A 734 2.40 8.52 -12.35
N SER A 735 2.93 7.44 -11.79
CA SER A 735 4.38 7.33 -11.51
C SER A 735 5.22 7.34 -12.79
N SER A 736 4.60 6.99 -13.91
CA SER A 736 5.26 7.01 -15.22
C SER A 736 5.53 8.42 -15.75
N THR A 737 4.76 9.41 -15.28
CA THR A 737 4.90 10.79 -15.73
C THR A 737 6.13 11.45 -15.06
N PRO A 738 6.96 12.18 -15.85
CA PRO A 738 8.12 12.88 -15.27
C PRO A 738 7.76 13.77 -14.08
N LYS A 739 8.62 13.77 -13.08
CA LYS A 739 8.38 14.53 -11.84
C LYS A 739 8.04 15.98 -12.10
N ALA A 740 8.82 16.66 -12.95
CA ALA A 740 8.62 18.08 -13.21
C ALA A 740 7.36 18.32 -14.05
N VAL A 741 6.98 17.30 -14.81
CA VAL A 741 5.78 17.37 -15.63
C VAL A 741 4.50 17.17 -14.81
N GLN A 742 4.57 16.27 -13.82
CA GLN A 742 3.49 16.11 -12.84
C GLN A 742 3.20 17.45 -12.20
N LYS A 743 4.26 18.11 -11.75
CA LYS A 743 4.20 19.41 -11.10
C LYS A 743 3.59 20.49 -12.01
N ALA A 744 4.09 20.59 -13.24
CA ALA A 744 3.57 21.58 -14.19
C ALA A 744 2.11 21.34 -14.54
N LEU A 745 1.75 20.08 -14.78
CA LEU A 745 0.38 19.73 -15.11
C LEU A 745 -0.57 20.02 -13.95
N LYS A 746 -0.12 19.70 -12.72
CA LYS A 746 -0.90 20.02 -11.52
C LYS A 746 -1.18 21.53 -11.40
N GLU A 747 -0.16 22.33 -11.68
CA GLU A 747 -0.31 23.79 -11.66
C GLU A 747 -1.26 24.28 -12.77
N CYS A 748 -1.19 23.65 -13.95
CA CYS A 748 -2.14 23.96 -15.02
C CYS A 748 -3.58 23.65 -14.59
N ILE A 749 -3.78 22.48 -13.99
CA ILE A 749 -5.08 22.10 -13.44
C ILE A 749 -5.54 23.04 -12.32
N ARG A 750 -4.63 23.38 -11.41
CA ARG A 750 -4.96 24.32 -10.34
C ARG A 750 -5.48 25.62 -10.94
N ARG A 751 -4.75 26.16 -11.90
CA ARG A 751 -5.14 27.41 -12.56
C ARG A 751 -6.48 27.30 -13.30
N MET A 752 -6.69 26.21 -14.03
CA MET A 752 -7.98 25.95 -14.67
C MET A 752 -9.14 25.99 -13.67
N LEU A 753 -8.99 25.25 -12.57
CA LEU A 753 -10.07 25.08 -11.60
C LEU A 753 -10.31 26.27 -10.71
N GLN A 754 -9.24 27.03 -10.40
CA GLN A 754 -9.32 28.12 -9.43
C GLN A 754 -9.30 29.53 -10.02
N GLU A 755 -8.67 29.69 -11.18
CA GLU A 755 -8.39 31.02 -11.70
C GLU A 755 -8.93 31.24 -13.12
N GLY A 756 -8.95 30.20 -13.94
CA GLY A 756 -9.55 30.31 -15.26
C GLY A 756 -8.56 30.24 -16.42
N GLU A 757 -9.10 30.46 -17.62
CA GLU A 757 -8.41 30.26 -18.89
C GLU A 757 -7.16 31.12 -19.06
N GLU A 758 -7.28 32.41 -18.72
CA GLU A 758 -6.19 33.35 -18.97
C GLU A 758 -4.97 33.00 -18.11
N SER A 759 -5.23 32.68 -16.85
CA SER A 759 -4.18 32.25 -15.93
C SER A 759 -3.45 31.01 -16.45
N LEU A 760 -4.22 30.04 -16.94
CA LEU A 760 -3.68 28.82 -17.55
C LEU A 760 -2.77 29.16 -18.73
N GLN A 761 -3.23 30.07 -19.59
CA GLN A 761 -2.45 30.49 -20.76
C GLN A 761 -1.12 31.15 -20.37
N GLU A 762 -1.13 31.95 -19.30
CA GLU A 762 0.10 32.58 -18.81
C GLU A 762 1.12 31.53 -18.37
N TYR A 763 0.64 30.52 -17.66
CA TYR A 763 1.53 29.50 -17.12
C TYR A 763 2.07 28.56 -18.19
N PHE A 764 1.21 28.13 -19.11
CA PHE A 764 1.66 27.28 -20.21
C PHE A 764 2.78 27.96 -21.00
N LYS A 765 2.55 29.22 -21.39
CA LYS A 765 3.52 29.99 -22.16
C LYS A 765 4.87 29.99 -21.47
N GLU A 766 4.87 30.21 -20.15
CA GLU A 766 6.11 30.25 -19.39
C GLU A 766 6.79 28.87 -19.30
N PHE A 767 6.01 27.84 -18.98
CA PHE A 767 6.57 26.49 -18.91
C PHE A 767 7.24 26.06 -20.20
N GLU A 768 6.57 26.33 -21.33
CA GLU A 768 7.07 25.97 -22.66
C GLU A 768 8.38 26.67 -22.97
N LYS A 769 8.52 27.89 -22.47
CA LYS A 769 9.71 28.70 -22.70
C LYS A 769 10.91 28.25 -21.86
N GLU A 770 10.66 27.78 -20.63
CA GLU A 770 11.75 27.52 -19.67
C GLU A 770 12.13 26.05 -19.46
N PHE A 771 11.31 25.12 -19.95
CA PHE A 771 11.41 23.72 -19.54
C PHE A 771 12.73 23.03 -19.88
N ARG A 772 13.41 23.51 -20.91
CA ARG A 772 14.68 22.91 -21.34
CA ARG A 772 14.69 22.92 -21.35
C ARG A 772 15.77 23.02 -20.26
N GLN A 773 15.54 23.89 -19.29
CA GLN A 773 16.48 24.08 -18.19
C GLN A 773 16.27 23.07 -17.05
N LEU A 774 15.14 22.36 -17.08
CA LEU A 774 14.84 21.38 -16.04
C LEU A 774 15.86 20.24 -16.05
N ASN A 775 16.23 19.78 -14.85
CA ASN A 775 17.16 18.67 -14.69
C ASN A 775 16.63 17.44 -15.41
N TYR A 776 17.53 16.75 -16.10
CA TYR A 776 17.17 15.62 -16.97
C TYR A 776 16.38 14.51 -16.26
N ILE A 777 16.70 14.26 -14.99
CA ILE A 777 16.00 13.24 -14.20
C ILE A 777 14.53 13.64 -13.99
N SER A 778 14.31 14.93 -13.70
CA SER A 778 12.96 15.48 -13.48
C SER A 778 12.06 15.46 -14.73
N ILE A 779 12.66 15.32 -15.90
CA ILE A 779 11.88 15.28 -17.14
C ILE A 779 11.90 13.91 -17.85
N ALA A 780 12.52 12.92 -17.20
CA ALA A 780 12.52 11.55 -17.71
C ALA A 780 11.23 10.82 -17.35
N SER A 781 10.72 10.05 -18.30
CA SER A 781 9.59 9.15 -18.05
C SER A 781 10.06 7.96 -17.22
N VAL A 782 9.11 7.26 -16.60
CA VAL A 782 9.42 6.09 -15.78
C VAL A 782 8.58 4.91 -16.24
N SER A 783 9.18 3.73 -16.26
CA SER A 783 8.43 2.51 -16.56
C SER A 783 9.07 1.30 -15.93
N SER A 784 8.24 0.35 -15.50
CA SER A 784 8.71 -0.99 -15.14
C SER A 784 9.24 -1.64 -16.40
N ALA A 785 10.25 -2.48 -16.25
CA ALA A 785 10.87 -3.14 -17.39
C ALA A 785 10.82 -4.66 -17.27
N ASN A 786 9.86 -5.27 -17.96
CA ASN A 786 9.73 -6.73 -17.99
C ASN A 786 10.08 -7.32 -19.35
N ASN A 787 10.58 -8.56 -19.35
CA ASN A 787 10.89 -9.30 -20.59
C ASN A 787 11.96 -8.67 -21.46
N ILE A 788 13.01 -8.15 -20.84
CA ILE A 788 14.10 -7.53 -21.60
C ILE A 788 14.71 -8.54 -22.59
N ALA A 789 14.90 -9.78 -22.14
CA ALA A 789 15.46 -10.86 -22.99
C ALA A 789 14.58 -11.20 -24.19
N LYS A 790 13.26 -11.31 -23.97
CA LYS A 790 12.31 -11.63 -25.05
C LYS A 790 12.47 -10.75 -26.28
N TYR A 791 12.70 -9.45 -26.06
CA TYR A 791 12.75 -8.49 -27.15
C TYR A 791 14.18 -8.17 -27.61
N ASP A 792 15.15 -8.84 -27.00
CA ASP A 792 16.55 -8.64 -27.32
C ASP A 792 17.02 -9.63 -28.40
N VAL A 793 17.31 -9.08 -29.58
CA VAL A 793 17.82 -9.89 -30.70
C VAL A 793 19.19 -9.34 -31.09
N GLY A 794 20.25 -10.02 -30.63
CA GLY A 794 21.63 -9.60 -30.86
C GLY A 794 21.93 -8.16 -30.44
N GLY A 795 21.35 -7.75 -29.32
CA GLY A 795 21.55 -6.39 -28.79
C GLY A 795 20.65 -5.33 -29.41
N PHE A 796 19.76 -5.75 -30.30
CA PHE A 796 18.86 -4.85 -31.00
C PHE A 796 17.38 -5.23 -30.79
N PRO A 797 16.46 -4.26 -30.98
CA PRO A 797 15.02 -4.50 -30.78
C PRO A 797 14.43 -5.54 -31.73
N GLY A 798 13.78 -6.54 -31.16
CA GLY A 798 13.01 -7.51 -31.94
C GLY A 798 11.64 -6.94 -32.28
N PRO A 799 10.81 -7.69 -33.04
CA PRO A 799 9.48 -7.22 -33.40
C PRO A 799 8.62 -6.88 -32.18
N LYS A 800 7.79 -5.85 -32.32
CA LYS A 800 6.90 -5.38 -31.25
C LYS A 800 7.60 -4.95 -29.94
N CYS A 801 8.88 -4.61 -30.04
CA CYS A 801 9.65 -4.16 -28.86
C CYS A 801 9.04 -2.91 -28.25
N PRO A 802 8.70 -2.98 -26.94
CA PRO A 802 8.17 -1.77 -26.29
C PRO A 802 9.20 -0.65 -26.26
N PHE A 803 8.71 0.58 -26.22
CA PHE A 803 9.56 1.77 -26.26
C PHE A 803 10.59 1.80 -25.14
N HIS A 804 10.15 1.48 -23.92
CA HIS A 804 11.08 1.51 -22.79
C HIS A 804 12.11 0.42 -22.86
N ILE A 805 11.76 -0.71 -23.47
CA ILE A 805 12.70 -1.84 -23.62
C ILE A 805 13.74 -1.53 -24.68
N ARG A 806 13.29 -0.88 -25.76
CA ARG A 806 14.20 -0.31 -26.75
C ARG A 806 15.25 0.57 -26.07
N GLY A 807 14.79 1.46 -25.17
CA GLY A 807 15.70 2.33 -24.43
C GLY A 807 16.75 1.57 -23.65
N ILE A 808 16.36 0.44 -23.08
CA ILE A 808 17.27 -0.38 -22.27
C ILE A 808 18.33 -1.02 -23.15
N LEU A 809 17.92 -1.52 -24.31
CA LEU A 809 18.84 -2.13 -25.28
C LEU A 809 19.84 -1.11 -25.79
N THR A 810 19.38 0.13 -25.98
CA THR A 810 20.27 1.23 -26.33
C THR A 810 21.32 1.43 -25.24
N TYR A 811 20.86 1.56 -24.00
CA TYR A 811 21.76 1.63 -22.83
C TYR A 811 22.74 0.47 -22.81
N ASN A 812 22.23 -0.76 -22.99
CA ASN A 812 23.08 -1.95 -22.92
C ASN A 812 24.24 -1.92 -23.93
N ARG A 813 23.96 -1.48 -25.16
CA ARG A 813 25.01 -1.33 -26.18
C ARG A 813 26.01 -0.24 -25.78
N ALA A 814 25.49 0.87 -25.23
CA ALA A 814 26.31 2.01 -24.86
C ALA A 814 27.29 1.72 -23.72
N ILE A 815 26.92 0.82 -22.82
CA ILE A 815 27.80 0.49 -21.68
C ILE A 815 28.54 -0.84 -21.85
N LYS A 816 28.38 -1.47 -23.02
CA LYS A 816 28.91 -2.81 -23.29
C LYS A 816 30.39 -2.93 -22.93
N GLY A 817 30.74 -4.05 -22.29
CA GLY A 817 32.12 -4.32 -21.90
C GLY A 817 32.42 -3.98 -20.46
N ASN A 818 31.68 -3.01 -19.91
CA ASN A 818 31.86 -2.57 -18.53
C ASN A 818 31.27 -3.54 -17.51
N ILE A 819 32.13 -4.01 -16.61
CA ILE A 819 31.71 -4.87 -15.52
C ILE A 819 31.26 -4.00 -14.34
N ASP A 820 31.50 -2.69 -14.45
CA ASP A 820 31.26 -1.72 -13.37
C ASP A 820 30.00 -0.86 -13.55
N ALA A 821 29.62 -0.59 -14.79
CA ALA A 821 28.42 0.21 -15.10
C ALA A 821 27.18 -0.45 -14.51
N PRO A 822 26.26 0.35 -13.94
CA PRO A 822 25.03 -0.21 -13.37
C PRO A 822 24.24 -0.97 -14.44
N GLN A 823 23.76 -2.16 -14.08
CA GLN A 823 22.95 -2.96 -14.98
C GLN A 823 21.49 -2.68 -14.72
N VAL A 824 20.69 -2.74 -15.78
CA VAL A 824 19.24 -2.69 -15.65
C VAL A 824 18.76 -4.05 -15.14
N VAL A 825 18.09 -4.05 -13.99
CA VAL A 825 17.57 -5.27 -13.40
C VAL A 825 16.17 -5.59 -13.92
N GLU A 826 16.04 -6.77 -14.52
CA GLU A 826 14.75 -7.30 -14.99
C GLU A 826 13.65 -7.14 -13.94
N GLY A 827 12.55 -6.50 -14.33
CA GLY A 827 11.39 -6.38 -13.46
C GLY A 827 11.39 -5.11 -12.61
N GLU A 828 12.51 -4.39 -12.58
CA GLU A 828 12.60 -3.14 -11.83
C GLU A 828 12.30 -1.94 -12.75
N LYS A 829 12.45 -0.72 -12.23
CA LYS A 829 12.07 0.47 -13.00
C LYS A 829 13.24 1.22 -13.65
N VAL A 830 12.97 1.85 -14.79
CA VAL A 830 13.93 2.65 -15.52
C VAL A 830 13.43 4.07 -15.78
N TYR A 831 14.36 5.03 -15.79
CA TYR A 831 14.08 6.33 -16.39
C TYR A 831 14.22 6.19 -17.89
N VAL A 832 13.40 6.92 -18.65
CA VAL A 832 13.42 6.84 -20.11
C VAL A 832 13.47 8.24 -20.74
N LEU A 833 14.42 8.45 -21.65
CA LEU A 833 14.48 9.70 -22.43
C LEU A 833 14.52 9.45 -23.93
N PRO A 834 13.79 10.28 -24.70
CA PRO A 834 13.90 10.26 -26.15
C PRO A 834 15.20 10.91 -26.63
N LEU A 835 15.68 10.47 -27.79
CA LEU A 835 16.94 10.95 -28.36
C LEU A 835 16.70 11.54 -29.75
N ARG A 836 17.34 12.68 -30.03
CA ARG A 836 17.22 13.35 -31.33
C ARG A 836 17.84 12.52 -32.45
N GLU A 837 17.30 12.68 -33.66
CA GLU A 837 17.81 12.04 -34.87
C GLU A 837 19.33 12.22 -35.02
N GLY A 838 20.01 11.14 -35.38
CA GLY A 838 21.46 11.19 -35.66
C GLY A 838 22.36 11.18 -34.45
N ASN A 839 21.81 10.82 -33.29
CA ASN A 839 22.60 10.66 -32.06
C ASN A 839 23.59 9.50 -32.15
N PRO A 840 24.66 9.52 -31.31
CA PRO A 840 25.66 8.45 -31.35
C PRO A 840 25.21 7.11 -30.74
N PHE A 841 24.05 7.09 -30.08
CA PHE A 841 23.53 5.85 -29.50
C PHE A 841 22.81 4.98 -30.55
N GLY A 842 22.51 5.57 -31.70
CA GLY A 842 21.94 4.85 -32.83
C GLY A 842 20.50 4.40 -32.69
N ASP A 843 19.76 4.98 -31.75
CA ASP A 843 18.33 4.73 -31.60
C ASP A 843 17.59 5.93 -30.97
N LYS A 844 16.26 5.85 -30.97
CA LYS A 844 15.40 7.00 -30.64
C LYS A 844 15.16 7.25 -29.15
N CYS A 845 15.70 6.39 -28.29
CA CYS A 845 15.54 6.56 -26.84
C CYS A 845 16.59 5.78 -26.06
N ILE A 846 16.73 6.13 -24.79
CA ILE A 846 17.64 5.45 -23.88
C ILE A 846 16.98 5.34 -22.50
N ALA A 847 17.28 4.26 -21.79
CA ALA A 847 16.72 4.03 -20.47
C ALA A 847 17.81 3.57 -19.53
N TRP A 848 17.72 3.95 -18.26
CA TRP A 848 18.70 3.52 -17.25
C TRP A 848 18.01 3.33 -15.92
N PRO A 849 18.67 2.66 -14.95
CA PRO A 849 17.97 2.33 -13.69
C PRO A 849 17.39 3.57 -13.00
N SER A 850 16.12 3.49 -12.61
CA SER A 850 15.45 4.62 -11.96
C SER A 850 16.03 4.89 -10.57
N GLY A 851 15.81 6.10 -10.07
CA GLY A 851 16.40 6.53 -8.80
C GLY A 851 17.89 6.80 -8.85
N THR A 852 18.49 6.69 -10.05
CA THR A 852 19.93 6.91 -10.20
C THR A 852 20.29 7.93 -11.30
N GLU A 853 21.47 8.52 -11.14
CA GLU A 853 22.12 9.28 -12.19
C GLU A 853 22.61 8.29 -13.24
N ILE A 854 22.44 8.63 -14.51
CA ILE A 854 23.00 7.81 -15.58
C ILE A 854 24.53 7.86 -15.48
N THR A 855 25.18 6.72 -15.73
CA THR A 855 26.64 6.59 -15.60
C THR A 855 27.40 7.67 -16.38
N ASP A 856 28.45 8.21 -15.76
CA ASP A 856 29.25 9.30 -16.34
C ASP A 856 29.83 8.98 -17.72
N LEU A 857 30.02 7.70 -18.00
CA LEU A 857 30.47 7.23 -19.31
C LEU A 857 29.64 7.82 -20.47
N ILE A 858 28.34 7.95 -20.26
CA ILE A 858 27.42 8.40 -21.33
C ILE A 858 26.55 9.61 -20.98
N LYS A 859 26.57 10.00 -19.70
CA LYS A 859 25.73 11.13 -19.23
C LYS A 859 25.79 12.35 -20.15
N ASP A 860 26.99 12.77 -20.49
CA ASP A 860 27.18 13.98 -21.31
C ASP A 860 26.58 13.84 -22.71
N ASP A 861 26.70 12.67 -23.32
CA ASP A 861 26.11 12.42 -24.62
C ASP A 861 24.58 12.39 -24.54
N VAL A 862 24.05 11.81 -23.47
CA VAL A 862 22.61 11.80 -23.23
C VAL A 862 22.07 13.23 -23.13
N LEU A 863 22.69 14.04 -22.27
CA LEU A 863 22.30 15.45 -22.09
C LEU A 863 22.35 16.24 -23.39
N HIS A 864 23.38 15.96 -24.19
CA HIS A 864 23.56 16.66 -25.46
C HIS A 864 22.52 16.26 -26.47
N TRP A 865 22.12 14.99 -26.45
CA TRP A 865 21.18 14.45 -27.46
C TRP A 865 19.74 14.29 -27.05
N MET A 866 19.43 14.63 -25.80
CA MET A 866 18.05 14.65 -25.28
C MET A 866 17.12 15.37 -26.22
N ASP A 867 16.01 14.74 -26.58
CA ASP A 867 15.00 15.37 -27.45
C ASP A 867 13.92 16.06 -26.61
N TYR A 868 14.17 17.33 -26.28
CA TYR A 868 13.26 18.12 -25.44
C TYR A 868 11.90 18.33 -26.11
N THR A 869 11.90 18.48 -27.43
CA THR A 869 10.67 18.71 -28.19
C THR A 869 9.71 17.52 -28.09
N VAL A 870 10.23 16.32 -28.34
CA VAL A 870 9.45 15.08 -28.25
C VAL A 870 8.99 14.87 -26.80
N LEU A 871 9.92 15.10 -25.88
CA LEU A 871 9.64 15.01 -24.45
C LEU A 871 8.45 15.91 -24.04
N LEU A 872 8.50 17.18 -24.45
CA LEU A 872 7.44 18.12 -24.14
C LEU A 872 6.09 17.73 -24.74
N GLU A 873 6.08 17.37 -26.03
CA GLU A 873 4.84 17.01 -26.71
C GLU A 873 4.16 15.82 -26.08
N LYS A 874 4.95 14.81 -25.71
CA LYS A 874 4.40 13.53 -25.25
C LYS A 874 3.93 13.53 -23.80
N THR A 875 4.72 14.13 -22.91
CA THR A 875 4.42 14.08 -21.47
C THR A 875 3.62 15.28 -20.97
N PHE A 876 3.71 16.40 -21.68
CA PHE A 876 3.06 17.63 -21.22
C PHE A 876 1.94 18.11 -22.13
N ILE A 877 2.26 18.42 -23.38
CA ILE A 877 1.27 18.99 -24.31
C ILE A 877 0.10 18.04 -24.61
N LYS A 878 0.40 16.80 -24.98
CA LYS A 878 -0.66 15.81 -25.21
C LYS A 878 -1.67 15.73 -24.05
N PRO A 879 -1.20 15.45 -22.80
CA PRO A 879 -2.17 15.41 -21.69
C PRO A 879 -2.91 16.73 -21.48
N LEU A 880 -2.21 17.85 -21.55
CA LEU A 880 -2.83 19.16 -21.36
C LEU A 880 -3.91 19.45 -22.41
N GLU A 881 -3.65 19.09 -23.66
CA GLU A 881 -4.63 19.21 -24.74
C GLU A 881 -5.88 18.39 -24.40
N GLY A 882 -5.66 17.19 -23.84
CA GLY A 882 -6.75 16.37 -23.31
C GLY A 882 -7.54 17.08 -22.21
N PHE A 883 -6.85 17.64 -21.21
CA PHE A 883 -7.54 18.32 -20.11
C PHE A 883 -8.38 19.51 -20.64
N THR A 884 -7.78 20.30 -21.51
CA THR A 884 -8.36 21.56 -21.95
C THR A 884 -9.50 21.41 -22.96
N SER A 885 -9.39 20.44 -23.88
CA SER A 885 -10.51 20.17 -24.78
C SER A 885 -11.71 19.62 -23.99
N ALA A 886 -11.44 18.73 -23.03
CA ALA A 886 -12.51 18.23 -22.17
C ALA A 886 -13.20 19.40 -21.47
N ALA A 887 -12.40 20.31 -20.92
CA ALA A 887 -12.91 21.46 -20.17
C ALA A 887 -13.39 22.61 -21.06
N LYS A 888 -13.25 22.44 -22.37
CA LYS A 888 -13.66 23.44 -23.37
C LYS A 888 -12.99 24.79 -23.16
N LEU A 889 -11.67 24.77 -23.04
CA LEU A 889 -10.90 26.02 -23.02
C LEU A 889 -9.59 25.82 -23.78
N ASP A 890 -8.84 26.91 -23.97
CA ASP A 890 -7.61 26.87 -24.75
C ASP A 890 -6.39 27.21 -23.91
N TYR A 891 -5.33 26.42 -24.06
CA TYR A 891 -4.09 26.67 -23.33
C TYR A 891 -3.24 27.74 -24.02
N GLU A 892 -3.59 28.07 -25.27
CA GLU A 892 -2.96 29.17 -26.00
C GLU A 892 -4.03 30.15 -26.46
N LYS A 893 -3.75 31.45 -26.31
CA LYS A 893 -4.72 32.48 -26.66
C LYS A 893 -5.03 32.48 -28.16
N LYS A 894 -6.32 32.41 -28.49
CA LYS A 894 -6.78 32.48 -29.87
C LYS A 894 -6.81 33.93 -30.33
N ALA A 895 -6.65 34.15 -31.63
CA ALA A 895 -6.72 35.49 -32.21
C ALA A 895 -8.12 36.10 -32.04
N SER A 896 -8.18 37.41 -31.94
CA SER A 896 -9.45 38.13 -31.86
C SER A 896 -9.38 39.46 -32.60
N LEU A 897 -10.50 40.16 -32.68
CA LEU A 897 -10.57 41.45 -33.37
C LEU A 897 -9.77 42.55 -32.67
N PHE A 898 -9.48 42.37 -31.38
CA PHE A 898 -8.71 43.36 -30.62
C PHE A 898 -7.24 43.43 -31.00
N ASP A 899 -6.75 42.37 -31.65
CA ASP A 899 -5.38 42.32 -32.17
C ASP A 899 -5.12 43.42 -33.22
N MET A 900 -6.20 43.91 -33.85
CA MET A 900 -6.12 45.02 -34.82
C MET A 900 -5.60 46.31 -34.16
N PHE A 901 -5.65 46.35 -32.82
CA PHE A 901 -5.22 47.51 -32.05
C PHE A 901 -3.97 47.21 -31.25
PG DGT D . -14.49 3.68 2.15
O1G DGT D . -15.12 4.29 0.91
O2G DGT D . -15.43 3.48 3.31
O3G DGT D . -13.15 4.24 2.52
O3B DGT D . -14.17 2.14 1.75
PB DGT D . -14.62 1.35 0.43
O1B DGT D . -14.36 -0.11 0.68
O2B DGT D . -16.02 1.79 0.03
O3A DGT D . -13.48 1.82 -0.60
PA DGT D . -13.61 2.49 -2.06
O1A DGT D . -12.23 2.97 -2.39
O2A DGT D . -14.80 3.43 -2.13
O5' DGT D . -13.89 1.20 -2.97
C5' DGT D . -15.23 0.77 -3.17
C4' DGT D . -15.22 -0.73 -3.36
O4' DGT D . -14.42 -1.06 -4.49
C3' DGT D . -14.61 -1.48 -2.19
O3' DGT D . -15.51 -1.67 -1.09
C2' DGT D . -14.25 -2.78 -2.86
C1' DGT D . -13.79 -2.33 -4.24
N9 DGT D . -12.33 -2.19 -4.10
C8 DGT D . -11.58 -1.07 -3.97
N7 DGT D . -10.27 -1.39 -3.86
C5 DGT D . -10.16 -2.73 -3.92
C6 DGT D . -9.09 -3.75 -3.84
O6 DGT D . -7.91 -3.40 -3.72
N1 DGT D . -9.43 -5.06 -3.94
C2 DGT D . -10.71 -5.46 -4.08
N2 DGT D . -11.01 -6.77 -4.17
N3 DGT D . -11.74 -4.58 -4.16
C4 DGT D . -11.52 -3.25 -4.07
CA CA E . -16.67 3.80 -0.71
CA CA F . -15.69 5.25 -3.73
CA CA G . -2.33 33.90 17.19
CA CA H . -17.33 8.11 3.46
CA CA I . 24.90 0.11 1.04
#